data_4ACC
#
_entry.id   4ACC
#
_cell.length_a   83.080
_cell.length_b   85.810
_cell.length_c   177.530
_cell.angle_alpha   90.00
_cell.angle_beta   90.00
_cell.angle_gamma   90.00
#
_symmetry.space_group_name_H-M   'P 21 21 21'
#
loop_
_entity.id
_entity.type
_entity.pdbx_description
1 polymer 'GLYCOGEN SYNTHASE KINASE-3 BETA'
2 non-polymer 'DIMETHYL SULFOXIDE'
3 non-polymer 3-AMINO-6-(4-{[2-(DIMETHYLAMINO)ETHYL]SULFAMOYL}PHENYL)-N-PYRIDIN-3-YLPYRAZINE-2-CARBOXAMIDE
4 water water
#
_entity_poly.entity_id   1
_entity_poly.type   'polypeptide(L)'
_entity_poly.pdbx_seq_one_letter_code
;MSYYHHHHHHDYDIPTTENLYFQGAMGSSHHHHHHSSGLVPRGSHMSGRPRTTSFAESCKPVQQPSAFGSMKVSRDKDGS
KVTTVVATPGQGPDRPQEVSYTDTKVIGNGSFGVVYQAKLCDSGELVAIKKVLQDKRFKNRELQIMRKLDHCNIVRLRYF
FYSSGEKKDEVYLNLVLDYVPETVYRVARHYSRAKQTLPVIYVKLYMYQLFRSLAYIHSFGICHRDIKPQNLLLDPDTAV
LKLCDFGSAKQLVRGEPNVSYICSRYYRAPELIFGATDYTSSIDVWSAGCVLAELLLGQPIFPGDSGVDQLVEIIKVLGT
PTREQIREMNPNYTEFKFPQIKAHPWTKVFRPRTPPEAIALCSRLLEYTPTARLTPLEACAHSFFDELRDPNVKLPNGRD
TPALFNFTTQELSSNPPLATILIPPHARIQAAASTPTNATAASDANTGDRGQTNNAASASASNST
;
_entity_poly.pdbx_strand_id   A,B
#
# COMPACT_ATOMS: atom_id res chain seq x y z
N SER A 80 21.28 8.37 -36.50
CA SER A 80 20.89 8.67 -35.13
C SER A 80 22.10 9.03 -34.23
N LYS A 81 21.83 9.52 -33.01
CA LYS A 81 22.84 9.90 -32.03
C LYS A 81 23.51 8.66 -31.44
N VAL A 82 24.85 8.62 -31.49
CA VAL A 82 25.65 7.53 -30.95
C VAL A 82 26.35 7.99 -29.68
N THR A 83 26.12 7.27 -28.55
CA THR A 83 26.76 7.53 -27.27
C THR A 83 27.84 6.47 -27.06
N THR A 84 29.08 6.93 -26.81
CA THR A 84 30.22 6.05 -26.55
C THR A 84 30.67 6.28 -25.12
N VAL A 85 30.83 5.17 -24.37
CA VAL A 85 31.22 5.17 -22.97
C VAL A 85 32.28 4.13 -22.72
N VAL A 86 33.07 4.31 -21.64
CA VAL A 86 34.04 3.31 -21.20
C VAL A 86 33.31 2.65 -20.05
N ALA A 87 32.91 1.38 -20.25
CA ALA A 87 32.12 0.63 -19.30
C ALA A 87 32.78 -0.67 -18.91
N THR A 88 32.57 -1.07 -17.64
CA THR A 88 33.12 -2.27 -17.04
C THR A 88 32.22 -3.47 -17.31
N PRO A 89 32.71 -4.62 -17.82
CA PRO A 89 31.85 -5.80 -18.00
C PRO A 89 31.25 -6.21 -16.64
N GLY A 90 29.97 -6.64 -16.65
CA GLY A 90 29.25 -7.00 -15.43
C GLY A 90 29.87 -8.15 -14.66
N GLN A 91 30.37 -9.15 -15.37
CA GLN A 91 31.04 -10.32 -14.77
C GLN A 91 32.47 -10.45 -15.29
N GLY A 92 33.28 -11.20 -14.57
CA GLY A 92 34.66 -11.43 -14.98
C GLY A 92 35.62 -10.35 -14.51
N PRO A 93 36.76 -10.19 -15.22
CA PRO A 93 37.77 -9.23 -14.74
C PRO A 93 37.42 -7.78 -15.05
N ASP A 94 37.72 -6.87 -14.10
CA ASP A 94 37.50 -5.42 -14.24
C ASP A 94 38.38 -4.83 -15.33
N ARG A 95 37.99 -5.04 -16.58
CA ARG A 95 38.71 -4.58 -17.76
C ARG A 95 37.76 -3.76 -18.62
N PRO A 96 37.68 -2.45 -18.35
CA PRO A 96 36.73 -1.62 -19.10
C PRO A 96 36.95 -1.59 -20.59
N GLN A 97 35.85 -1.43 -21.35
CA GLN A 97 35.93 -1.34 -22.81
C GLN A 97 35.03 -0.26 -23.31
N GLU A 98 35.29 0.22 -24.52
CA GLU A 98 34.44 1.21 -25.15
C GLU A 98 33.15 0.51 -25.62
N VAL A 99 31.99 1.02 -25.16
CA VAL A 99 30.63 0.55 -25.50
C VAL A 99 29.91 1.70 -26.21
N SER A 100 29.41 1.44 -27.42
CA SER A 100 28.66 2.40 -28.23
C SER A 100 27.21 1.93 -28.39
N TYR A 101 26.26 2.83 -28.07
CA TYR A 101 24.83 2.55 -28.20
C TYR A 101 24.05 3.71 -28.83
N THR A 102 22.94 3.36 -29.48
CA THR A 102 22.06 4.31 -30.17
C THR A 102 20.57 4.02 -29.86
N ASP A 103 19.65 4.85 -30.39
CA ASP A 103 18.18 4.75 -30.26
C ASP A 103 17.72 4.71 -28.80
N THR A 104 18.23 5.64 -27.99
CA THR A 104 17.94 5.76 -26.56
C THR A 104 16.53 6.34 -26.31
N LYS A 105 15.65 5.54 -25.69
CA LYS A 105 14.25 5.90 -25.37
C LYS A 105 14.02 5.57 -23.90
N VAL A 106 13.27 6.40 -23.16
CA VAL A 106 12.88 6.16 -21.76
C VAL A 106 11.79 5.06 -21.77
N ILE A 107 11.98 3.96 -21.01
CA ILE A 107 10.98 2.88 -20.92
C ILE A 107 10.32 2.79 -19.55
N GLY A 108 10.87 3.53 -18.59
CA GLY A 108 10.36 3.55 -17.23
C GLY A 108 10.96 4.66 -16.40
N ASN A 109 10.23 5.04 -15.34
CA ASN A 109 10.53 6.07 -14.36
C ASN A 109 10.01 5.59 -13.02
N GLY A 110 10.61 6.08 -11.94
CA GLY A 110 10.24 5.68 -10.58
C GLY A 110 11.02 6.40 -9.52
N SER A 111 10.83 5.93 -8.26
CA SER A 111 11.51 6.48 -7.09
C SER A 111 13.04 6.29 -7.19
N PHE A 112 13.47 5.19 -7.85
CA PHE A 112 14.85 4.79 -8.09
C PHE A 112 15.62 5.70 -9.04
N GLY A 113 14.96 6.13 -10.12
CA GLY A 113 15.53 6.90 -11.21
C GLY A 113 14.85 6.58 -12.53
N VAL A 114 15.62 6.41 -13.62
CA VAL A 114 15.08 6.17 -14.98
C VAL A 114 15.61 4.87 -15.61
N VAL A 115 14.82 4.27 -16.53
CA VAL A 115 15.21 3.05 -17.28
C VAL A 115 15.05 3.36 -18.75
N TYR A 116 16.13 3.16 -19.51
CA TYR A 116 16.16 3.43 -20.94
C TYR A 116 16.27 2.16 -21.70
N GLN A 117 15.90 2.20 -22.98
CA GLN A 117 16.13 1.12 -23.92
C GLN A 117 17.13 1.74 -24.91
N ALA A 118 18.09 0.93 -25.36
CA ALA A 118 19.13 1.37 -26.30
C ALA A 118 19.48 0.19 -27.16
N LYS A 119 20.11 0.46 -28.30
CA LYS A 119 20.55 -0.56 -29.24
C LYS A 119 22.07 -0.48 -29.27
N LEU A 120 22.76 -1.61 -29.03
CA LEU A 120 24.22 -1.65 -29.10
C LEU A 120 24.63 -1.53 -30.57
N CYS A 121 25.46 -0.51 -30.89
CA CYS A 121 25.91 -0.21 -32.26
C CYS A 121 26.53 -1.42 -32.96
N ASP A 122 27.35 -2.16 -32.21
CA ASP A 122 28.08 -3.35 -32.58
C ASP A 122 27.16 -4.47 -33.13
N SER A 123 26.40 -5.10 -32.23
CA SER A 123 25.54 -6.25 -32.43
C SER A 123 24.10 -5.96 -32.86
N GLY A 124 23.63 -4.73 -32.61
CA GLY A 124 22.25 -4.33 -32.91
C GLY A 124 21.27 -4.81 -31.85
N GLU A 125 21.80 -5.53 -30.85
CA GLU A 125 21.10 -6.11 -29.72
C GLU A 125 20.59 -5.02 -28.79
N LEU A 126 19.32 -5.16 -28.40
CA LEU A 126 18.65 -4.23 -27.48
C LEU A 126 19.07 -4.50 -26.04
N VAL A 127 19.23 -3.43 -25.27
CA VAL A 127 19.64 -3.47 -23.86
C VAL A 127 18.83 -2.43 -23.12
N ALA A 128 18.73 -2.60 -21.81
CA ALA A 128 18.09 -1.65 -20.92
C ALA A 128 19.24 -0.96 -20.13
N ILE A 129 19.11 0.34 -19.87
CA ILE A 129 20.08 1.10 -19.10
C ILE A 129 19.34 1.68 -17.92
N LYS A 130 19.63 1.16 -16.72
CA LYS A 130 19.04 1.65 -15.47
C LYS A 130 20.00 2.67 -14.86
N LYS A 131 19.54 3.92 -14.80
CA LYS A 131 20.32 5.06 -14.33
C LYS A 131 19.79 5.52 -12.98
N VAL A 132 20.65 5.45 -11.95
CA VAL A 132 20.36 5.84 -10.56
C VAL A 132 21.44 6.84 -10.06
N LEU A 133 21.03 7.77 -9.19
CA LEU A 133 21.96 8.71 -8.57
C LEU A 133 22.82 7.93 -7.58
N GLN A 134 24.14 8.07 -7.65
CA GLN A 134 25.05 7.34 -6.77
C GLN A 134 25.78 8.25 -5.79
N ASP A 135 25.76 7.94 -4.48
CA ASP A 135 26.55 8.70 -3.49
C ASP A 135 27.87 7.98 -3.30
N LYS A 136 28.99 8.72 -3.32
CA LYS A 136 30.30 8.08 -3.13
C LYS A 136 30.66 7.68 -1.68
N ARG A 137 29.79 8.03 -0.69
CA ARG A 137 29.96 7.65 0.73
C ARG A 137 29.91 6.11 0.89
N PHE A 138 29.05 5.44 0.09
CA PHE A 138 28.95 3.99 0.11
C PHE A 138 28.84 3.35 -1.28
N LYS A 139 29.13 2.06 -1.34
CA LYS A 139 29.06 1.26 -2.56
C LYS A 139 27.60 0.92 -2.86
N ASN A 140 27.18 1.01 -4.14
CA ASN A 140 25.81 0.67 -4.56
C ASN A 140 25.52 -0.82 -4.35
N ARG A 141 24.57 -1.13 -3.43
CA ARG A 141 24.15 -2.50 -3.07
C ARG A 141 23.63 -3.29 -4.29
N GLU A 142 22.84 -2.64 -5.20
CA GLU A 142 22.27 -3.32 -6.36
C GLU A 142 23.38 -3.76 -7.30
N LEU A 143 24.34 -2.87 -7.57
CA LEU A 143 25.49 -3.20 -8.43
C LEU A 143 26.25 -4.42 -7.88
N GLN A 144 26.56 -4.43 -6.57
CA GLN A 144 27.30 -5.53 -5.95
C GLN A 144 26.58 -6.86 -6.04
N ILE A 145 25.24 -6.86 -5.90
CA ILE A 145 24.45 -8.09 -6.05
C ILE A 145 24.47 -8.51 -7.53
N MET A 146 24.20 -7.58 -8.50
CA MET A 146 24.15 -7.87 -9.96
C MET A 146 25.46 -8.50 -10.47
N ARG A 147 26.61 -7.99 -9.99
CA ARG A 147 27.95 -8.47 -10.36
C ARG A 147 28.16 -9.94 -10.04
N LYS A 148 27.44 -10.47 -9.03
CA LYS A 148 27.55 -11.88 -8.61
C LYS A 148 26.63 -12.83 -9.39
N LEU A 149 25.61 -12.29 -10.09
CA LEU A 149 24.57 -13.13 -10.69
C LEU A 149 24.71 -13.45 -12.16
N ASP A 150 24.47 -14.72 -12.49
CA ASP A 150 24.51 -15.20 -13.86
C ASP A 150 23.52 -16.34 -13.99
N HIS A 151 22.27 -16.02 -14.38
CA HIS A 151 21.20 -17.03 -14.51
C HIS A 151 20.30 -16.67 -15.67
N CYS A 152 19.78 -17.68 -16.39
CA CYS A 152 18.93 -17.49 -17.57
C CYS A 152 17.56 -16.84 -17.27
N ASN A 153 17.11 -16.88 -16.01
CA ASN A 153 15.85 -16.28 -15.58
C ASN A 153 16.03 -15.01 -14.79
N ILE A 154 17.20 -14.38 -14.96
CA ILE A 154 17.53 -13.12 -14.31
C ILE A 154 18.15 -12.23 -15.34
N VAL A 155 17.67 -11.02 -15.42
CA VAL A 155 18.20 -10.00 -16.32
C VAL A 155 19.73 -9.85 -16.02
N ARG A 156 20.55 -10.05 -17.02
CA ARG A 156 21.99 -10.00 -16.81
C ARG A 156 22.59 -8.61 -16.80
N LEU A 157 23.55 -8.33 -15.89
CA LEU A 157 24.28 -7.08 -15.92
C LEU A 157 25.39 -7.24 -16.97
N ARG A 158 25.26 -6.59 -18.09
CA ARG A 158 26.24 -6.68 -19.18
C ARG A 158 27.43 -5.75 -18.95
N TYR A 159 27.15 -4.48 -18.58
CA TYR A 159 28.15 -3.47 -18.29
C TYR A 159 27.65 -2.52 -17.24
N PHE A 160 28.56 -1.72 -16.68
CA PHE A 160 28.23 -0.62 -15.79
C PHE A 160 29.21 0.51 -15.99
N PHE A 161 28.71 1.74 -15.90
CA PHE A 161 29.50 2.95 -16.06
C PHE A 161 28.91 4.11 -15.27
N TYR A 162 29.73 5.16 -15.06
CA TYR A 162 29.35 6.37 -14.35
C TYR A 162 29.21 7.52 -15.33
N SER A 163 28.27 8.45 -15.06
CA SER A 163 28.04 9.60 -15.94
C SER A 163 27.44 10.78 -15.17
N SER A 164 27.18 11.87 -15.90
CA SER A 164 26.42 13.05 -15.45
C SER A 164 24.95 12.75 -15.91
N GLY A 165 23.99 13.63 -15.58
CA GLY A 165 22.61 13.40 -15.98
C GLY A 165 21.64 14.55 -15.83
N GLU A 166 21.52 15.10 -14.61
CA GLU A 166 20.58 16.19 -14.31
C GLU A 166 21.03 17.19 -13.22
N LYS A 167 22.33 17.17 -12.81
CA LYS A 167 22.84 18.07 -11.75
C LYS A 167 24.24 18.69 -12.09
N LYS A 168 25.26 18.54 -11.19
CA LYS A 168 26.64 19.02 -11.40
C LYS A 168 27.64 18.03 -10.77
N ASP A 169 27.84 18.11 -9.43
CA ASP A 169 28.73 17.24 -8.66
C ASP A 169 28.12 15.84 -8.55
N GLU A 170 26.82 15.72 -8.91
CA GLU A 170 26.06 14.48 -8.86
C GLU A 170 26.42 13.53 -9.99
N VAL A 171 26.88 12.35 -9.57
CA VAL A 171 27.30 11.22 -10.41
C VAL A 171 26.16 10.21 -10.46
N TYR A 172 25.94 9.64 -11.63
CA TYR A 172 24.93 8.62 -11.84
C TYR A 172 25.57 7.29 -12.18
N LEU A 173 25.11 6.22 -11.52
CA LEU A 173 25.49 4.85 -11.85
C LEU A 173 24.51 4.38 -12.96
N ASN A 174 25.06 3.80 -14.04
CA ASN A 174 24.32 3.26 -15.19
C ASN A 174 24.53 1.76 -15.31
N LEU A 175 23.44 0.97 -15.22
CA LEU A 175 23.48 -0.49 -15.32
C LEU A 175 22.96 -0.90 -16.68
N VAL A 176 23.84 -1.46 -17.53
CA VAL A 176 23.51 -1.95 -18.85
C VAL A 176 23.09 -3.41 -18.68
N LEU A 177 21.77 -3.66 -18.85
CA LEU A 177 21.13 -4.94 -18.57
C LEU A 177 20.51 -5.54 -19.79
N ASP A 178 20.19 -6.83 -19.73
CA ASP A 178 19.39 -7.50 -20.77
C ASP A 178 18.06 -6.74 -20.90
N TYR A 179 17.58 -6.57 -22.13
CA TYR A 179 16.27 -5.96 -22.36
C TYR A 179 15.30 -7.09 -22.71
N VAL A 180 14.17 -7.16 -21.99
CA VAL A 180 13.10 -8.16 -22.21
C VAL A 180 11.83 -7.29 -22.42
N PRO A 181 11.11 -7.47 -23.58
CA PRO A 181 10.08 -6.49 -23.96
C PRO A 181 8.75 -6.39 -23.21
N GLU A 182 8.30 -7.48 -22.61
CA GLU A 182 7.01 -7.50 -21.90
C GLU A 182 7.15 -7.78 -20.40
N THR A 183 6.05 -7.63 -19.65
CA THR A 183 6.00 -7.91 -18.21
C THR A 183 4.80 -8.83 -17.94
N VAL A 184 4.84 -9.61 -16.84
CA VAL A 184 3.74 -10.46 -16.42
C VAL A 184 2.50 -9.57 -16.12
N TYR A 185 2.74 -8.38 -15.54
CA TYR A 185 1.73 -7.39 -15.21
C TYR A 185 0.88 -7.01 -16.46
N ARG A 186 1.55 -6.62 -17.57
CA ARG A 186 0.94 -6.24 -18.83
C ARG A 186 0.21 -7.42 -19.49
N VAL A 187 0.81 -8.62 -19.48
CA VAL A 187 0.21 -9.81 -20.06
C VAL A 187 -1.05 -10.19 -19.28
N ALA A 188 -0.98 -10.26 -17.94
CA ALA A 188 -2.12 -10.58 -17.09
C ALA A 188 -3.27 -9.59 -17.29
N ARG A 189 -2.96 -8.29 -17.41
CA ARG A 189 -3.93 -7.23 -17.61
C ARG A 189 -4.66 -7.36 -18.96
N HIS A 190 -3.97 -7.83 -20.02
CA HIS A 190 -4.59 -8.06 -21.31
C HIS A 190 -5.69 -9.10 -21.14
N TYR A 191 -5.35 -10.23 -20.50
CA TYR A 191 -6.31 -11.30 -20.31
C TYR A 191 -7.48 -10.88 -19.45
N SER A 192 -7.20 -10.18 -18.35
CA SER A 192 -8.18 -9.68 -17.40
C SER A 192 -9.17 -8.71 -18.08
N ARG A 193 -8.67 -7.77 -18.89
CA ARG A 193 -9.50 -6.82 -19.62
C ARG A 193 -10.37 -7.54 -20.67
N ALA A 194 -9.83 -8.58 -21.34
CA ALA A 194 -10.54 -9.40 -22.34
C ALA A 194 -11.44 -10.46 -21.68
N LYS A 195 -11.60 -10.41 -20.34
CA LYS A 195 -12.39 -11.35 -19.53
C LYS A 195 -11.96 -12.82 -19.63
N GLN A 196 -10.70 -13.05 -20.02
CA GLN A 196 -10.10 -14.37 -20.15
C GLN A 196 -8.99 -14.61 -19.13
N THR A 197 -8.60 -15.88 -18.93
CA THR A 197 -7.47 -16.18 -18.05
C THR A 197 -6.33 -16.64 -18.92
N LEU A 198 -5.13 -16.41 -18.45
CA LEU A 198 -3.94 -16.82 -19.15
C LEU A 198 -3.94 -18.36 -19.20
N PRO A 199 -3.76 -18.98 -20.40
CA PRO A 199 -3.66 -20.45 -20.45
C PRO A 199 -2.63 -20.98 -19.45
N VAL A 200 -2.98 -22.07 -18.75
CA VAL A 200 -2.22 -22.74 -17.70
C VAL A 200 -0.76 -23.10 -18.10
N ILE A 201 -0.51 -23.37 -19.41
CA ILE A 201 0.83 -23.65 -19.92
C ILE A 201 1.76 -22.46 -19.63
N TYR A 202 1.26 -21.22 -19.81
CA TYR A 202 2.05 -20.01 -19.54
C TYR A 202 2.17 -19.77 -18.04
N VAL A 203 1.12 -20.07 -17.25
CA VAL A 203 1.16 -19.99 -15.78
C VAL A 203 2.29 -20.93 -15.27
N LYS A 204 2.35 -22.17 -15.80
CA LYS A 204 3.37 -23.16 -15.50
C LYS A 204 4.76 -22.64 -15.90
N LEU A 205 4.92 -22.18 -17.15
CA LEU A 205 6.21 -21.70 -17.65
C LEU A 205 6.75 -20.51 -16.88
N TYR A 206 5.87 -19.51 -16.60
CA TYR A 206 6.26 -18.27 -15.93
C TYR A 206 6.62 -18.51 -14.49
N MET A 207 5.78 -19.26 -13.77
CA MET A 207 5.98 -19.58 -12.35
C MET A 207 7.21 -20.45 -12.12
N TYR A 208 7.46 -21.43 -13.00
CA TYR A 208 8.63 -22.31 -12.91
C TYR A 208 9.90 -21.49 -13.02
N GLN A 209 9.97 -20.62 -14.04
CA GLN A 209 11.13 -19.79 -14.30
C GLN A 209 11.37 -18.82 -13.15
N LEU A 210 10.29 -18.32 -12.52
CA LEU A 210 10.39 -17.44 -11.36
C LEU A 210 10.99 -18.24 -10.18
N PHE A 211 10.49 -19.45 -9.93
CA PHE A 211 11.04 -20.30 -8.87
C PHE A 211 12.52 -20.66 -9.07
N ARG A 212 12.96 -20.84 -10.33
CA ARG A 212 14.37 -21.07 -10.64
C ARG A 212 15.21 -19.84 -10.29
N SER A 213 14.74 -18.62 -10.67
CA SER A 213 15.45 -17.38 -10.38
C SER A 213 15.58 -17.18 -8.85
N LEU A 214 14.54 -17.58 -8.10
CA LEU A 214 14.51 -17.48 -6.64
C LEU A 214 15.41 -18.53 -5.97
N ALA A 215 15.42 -19.78 -6.50
CA ALA A 215 16.31 -20.84 -5.98
C ALA A 215 17.76 -20.38 -6.10
N TYR A 216 18.07 -19.73 -7.21
CA TYR A 216 19.39 -19.23 -7.50
C TYR A 216 19.83 -18.11 -6.58
N ILE A 217 19.06 -16.99 -6.49
CA ILE A 217 19.46 -15.86 -5.61
C ILE A 217 19.47 -16.27 -4.14
N HIS A 218 18.49 -17.08 -3.69
CA HIS A 218 18.43 -17.55 -2.30
C HIS A 218 19.63 -18.43 -1.94
N SER A 219 20.26 -19.12 -2.93
CA SER A 219 21.41 -20.00 -2.71
C SER A 219 22.65 -19.16 -2.28
N PHE A 220 22.64 -17.85 -2.61
CA PHE A 220 23.67 -16.90 -2.22
C PHE A 220 23.28 -16.12 -0.93
N GLY A 221 22.13 -16.48 -0.32
CA GLY A 221 21.57 -15.78 0.82
C GLY A 221 20.84 -14.50 0.44
N ILE A 222 20.68 -14.21 -0.89
CA ILE A 222 20.03 -13.00 -1.40
C ILE A 222 18.52 -13.13 -1.55
N CYS A 223 17.79 -12.18 -0.96
CA CYS A 223 16.32 -12.08 -1.00
C CYS A 223 16.02 -10.87 -1.90
N HIS A 224 15.13 -11.05 -2.89
CA HIS A 224 14.75 -9.99 -3.84
C HIS A 224 13.96 -8.88 -3.11
N ARG A 225 13.01 -9.27 -2.24
CA ARG A 225 12.18 -8.38 -1.41
C ARG A 225 11.15 -7.51 -2.17
N ASP A 226 11.04 -7.62 -3.50
CA ASP A 226 10.03 -6.88 -4.26
C ASP A 226 9.44 -7.68 -5.42
N ILE A 227 9.07 -8.96 -5.16
CA ILE A 227 8.52 -9.86 -6.17
C ILE A 227 7.06 -9.43 -6.44
N LYS A 228 6.79 -9.10 -7.69
CA LYS A 228 5.50 -8.61 -8.15
C LYS A 228 5.44 -8.75 -9.67
N PRO A 229 4.23 -8.83 -10.27
CA PRO A 229 4.14 -8.98 -11.74
C PRO A 229 4.91 -7.98 -12.57
N GLN A 230 5.05 -6.72 -12.14
CA GLN A 230 5.80 -5.68 -12.86
C GLN A 230 7.33 -5.98 -12.95
N ASN A 231 7.87 -6.77 -12.02
CA ASN A 231 9.31 -7.10 -11.95
C ASN A 231 9.62 -8.44 -12.62
N LEU A 232 8.64 -9.00 -13.33
CA LEU A 232 8.75 -10.27 -14.04
C LEU A 232 8.65 -9.98 -15.52
N LEU A 233 9.80 -9.99 -16.20
CA LEU A 233 9.86 -9.67 -17.61
C LEU A 233 9.67 -10.90 -18.45
N LEU A 234 9.07 -10.76 -19.64
CA LEU A 234 8.73 -11.88 -20.54
C LEU A 234 9.09 -11.58 -21.95
N ASP A 235 9.56 -12.60 -22.66
CA ASP A 235 9.75 -12.51 -24.10
C ASP A 235 8.54 -13.23 -24.68
N PRO A 236 7.64 -12.51 -25.42
CA PRO A 236 6.41 -13.15 -25.94
C PRO A 236 6.60 -14.35 -26.88
N ASP A 237 7.69 -14.35 -27.67
CA ASP A 237 7.98 -15.39 -28.64
C ASP A 237 8.62 -16.62 -28.07
N THR A 238 9.57 -16.46 -27.14
CA THR A 238 10.28 -17.60 -26.57
C THR A 238 9.68 -18.12 -25.27
N ALA A 239 8.81 -17.33 -24.61
CA ALA A 239 8.20 -17.62 -23.28
C ALA A 239 9.28 -17.62 -22.15
N VAL A 240 10.42 -16.95 -22.41
CA VAL A 240 11.50 -16.77 -21.42
C VAL A 240 11.02 -15.70 -20.42
N LEU A 241 11.16 -16.00 -19.13
CA LEU A 241 10.87 -15.04 -18.06
C LEU A 241 12.20 -14.66 -17.41
N LYS A 242 12.41 -13.36 -17.17
CA LYS A 242 13.58 -12.83 -16.46
C LYS A 242 13.13 -11.92 -15.32
N LEU A 243 13.60 -12.22 -14.12
CA LEU A 243 13.38 -11.41 -12.92
C LEU A 243 14.20 -10.15 -13.08
N CYS A 244 13.65 -8.98 -12.70
CA CYS A 244 14.36 -7.71 -12.79
C CYS A 244 14.16 -6.88 -11.53
N ASP A 245 14.77 -5.69 -11.48
CA ASP A 245 14.73 -4.76 -10.33
C ASP A 245 15.31 -5.31 -9.05
N PHE A 246 16.64 -5.12 -8.89
CA PHE A 246 17.36 -5.57 -7.70
C PHE A 246 17.60 -4.43 -6.70
N GLY A 247 16.80 -3.37 -6.83
CA GLY A 247 16.86 -2.17 -5.99
C GLY A 247 16.49 -2.38 -4.54
N SER A 248 15.77 -3.44 -4.20
CA SER A 248 15.37 -3.76 -2.81
C SER A 248 16.09 -5.00 -2.32
N ALA A 249 16.82 -5.70 -3.22
CA ALA A 249 17.46 -6.97 -2.90
C ALA A 249 18.51 -6.81 -1.83
N LYS A 250 18.57 -7.82 -0.95
CA LYS A 250 19.52 -7.81 0.13
C LYS A 250 19.95 -9.20 0.55
N GLN A 251 21.24 -9.35 0.93
CA GLN A 251 21.74 -10.58 1.52
C GLN A 251 21.24 -10.62 2.96
N LEU A 252 20.41 -11.61 3.30
CA LEU A 252 19.84 -11.75 4.63
C LEU A 252 20.71 -12.64 5.49
N VAL A 253 21.23 -12.08 6.60
CA VAL A 253 22.12 -12.75 7.56
C VAL A 253 21.35 -12.98 8.86
N ARG A 254 21.32 -14.23 9.36
CA ARG A 254 20.62 -14.58 10.61
C ARG A 254 21.10 -13.70 11.78
N GLY A 255 20.14 -13.19 12.54
CA GLY A 255 20.41 -12.30 13.67
C GLY A 255 20.57 -10.85 13.30
N GLU A 256 20.70 -10.55 12.00
CA GLU A 256 20.79 -9.16 11.54
C GLU A 256 19.37 -8.65 11.23
N PRO A 257 18.93 -7.51 11.80
CA PRO A 257 17.57 -7.05 11.51
C PRO A 257 17.43 -6.41 10.14
N ASN A 258 16.25 -6.53 9.54
CA ASN A 258 16.01 -5.97 8.22
C ASN A 258 14.77 -5.11 8.22
N VAL A 259 14.72 -4.06 7.37
CA VAL A 259 13.53 -3.20 7.29
C VAL A 259 12.27 -3.96 6.89
N SER A 260 11.15 -3.68 7.57
CA SER A 260 9.88 -4.36 7.29
C SER A 260 9.05 -3.68 6.19
N TYR A 261 9.45 -2.49 5.73
CA TYR A 261 8.69 -1.69 4.76
C TYR A 261 9.04 -1.91 3.28
N ILE A 262 9.80 -2.98 3.01
CA ILE A 262 10.09 -3.39 1.64
C ILE A 262 8.84 -4.16 1.13
N CYS A 263 8.82 -4.46 -0.19
CA CYS A 263 7.75 -5.24 -0.81
C CYS A 263 6.47 -4.46 -1.06
N SER A 264 5.91 -4.68 -2.22
CA SER A 264 4.75 -3.95 -2.71
C SER A 264 3.46 -4.50 -2.24
N ARG A 265 2.48 -3.60 -2.00
CA ARG A 265 1.12 -3.92 -1.59
C ARG A 265 0.52 -5.03 -2.46
N TYR A 266 -0.14 -5.99 -1.81
CA TYR A 266 -0.77 -7.18 -2.38
C TYR A 266 0.16 -8.39 -2.30
N TYR A 267 1.50 -8.18 -2.36
CA TYR A 267 2.50 -9.25 -2.43
C TYR A 267 3.29 -9.44 -1.13
N ARG A 268 2.94 -8.66 -0.10
CA ARG A 268 3.63 -8.68 1.19
C ARG A 268 3.24 -9.84 2.04
N ALA A 269 4.24 -10.56 2.53
CA ALA A 269 4.08 -11.70 3.44
C ALA A 269 3.44 -11.20 4.75
N PRO A 270 2.62 -12.01 5.46
CA PRO A 270 2.00 -11.50 6.69
C PRO A 270 2.99 -11.03 7.77
N GLU A 271 4.22 -11.60 7.83
CA GLU A 271 5.30 -11.18 8.76
C GLU A 271 5.68 -9.74 8.52
N LEU A 272 5.72 -9.32 7.24
CA LEU A 272 6.04 -7.93 6.86
C LEU A 272 4.92 -7.01 7.33
N ILE A 273 3.64 -7.44 7.13
CA ILE A 273 2.48 -6.66 7.53
C ILE A 273 2.53 -6.45 9.08
N PHE A 274 2.95 -7.49 9.83
CA PHE A 274 3.07 -7.46 11.29
C PHE A 274 4.32 -6.73 11.76
N GLY A 275 5.14 -6.24 10.83
CA GLY A 275 6.34 -5.47 11.12
C GLY A 275 7.54 -6.25 11.64
N ALA A 276 7.70 -7.52 11.22
CA ALA A 276 8.85 -8.33 11.62
C ALA A 276 10.10 -7.81 10.93
N THR A 277 11.23 -7.88 11.63
CA THR A 277 12.53 -7.45 11.12
C THR A 277 13.48 -8.67 11.05
N ASP A 278 12.99 -9.84 11.51
CA ASP A 278 13.74 -11.11 11.58
C ASP A 278 13.30 -12.08 10.45
N TYR A 279 12.58 -11.57 9.43
CA TYR A 279 12.09 -12.39 8.32
C TYR A 279 13.24 -13.00 7.48
N THR A 280 12.91 -14.07 6.75
CA THR A 280 13.85 -14.80 5.87
C THR A 280 13.49 -14.61 4.37
N SER A 281 14.17 -15.36 3.50
CA SER A 281 14.00 -15.37 2.05
C SER A 281 12.62 -15.92 1.67
N SER A 282 11.95 -16.60 2.61
CA SER A 282 10.61 -17.14 2.39
C SER A 282 9.55 -16.01 2.12
N ILE A 283 9.90 -14.73 2.33
CA ILE A 283 8.98 -13.61 2.00
C ILE A 283 8.76 -13.58 0.45
N ASP A 284 9.82 -13.95 -0.35
CA ASP A 284 9.77 -14.02 -1.82
C ASP A 284 8.86 -15.17 -2.28
N VAL A 285 8.81 -16.26 -1.52
CA VAL A 285 7.99 -17.44 -1.75
C VAL A 285 6.52 -17.08 -1.55
N TRP A 286 6.20 -16.32 -0.49
CA TRP A 286 4.84 -15.81 -0.27
C TRP A 286 4.44 -14.95 -1.49
N SER A 287 5.31 -13.97 -1.86
CA SER A 287 5.08 -13.06 -2.99
C SER A 287 4.82 -13.84 -4.29
N ALA A 288 5.63 -14.89 -4.55
CA ALA A 288 5.49 -15.75 -5.72
C ALA A 288 4.12 -16.49 -5.70
N GLY A 289 3.68 -16.94 -4.53
CA GLY A 289 2.37 -17.56 -4.35
C GLY A 289 1.23 -16.63 -4.66
N CYS A 290 1.39 -15.32 -4.34
CA CYS A 290 0.43 -14.23 -4.64
C CYS A 290 0.37 -14.02 -6.16
N VAL A 291 1.51 -14.13 -6.85
CA VAL A 291 1.55 -13.99 -8.31
C VAL A 291 0.84 -15.19 -8.96
N LEU A 292 1.09 -16.42 -8.47
CA LEU A 292 0.46 -17.64 -8.99
C LEU A 292 -1.06 -17.55 -8.84
N ALA A 293 -1.54 -17.27 -7.62
CA ALA A 293 -2.95 -17.15 -7.31
C ALA A 293 -3.64 -16.09 -8.21
N GLU A 294 -2.96 -14.95 -8.45
CA GLU A 294 -3.45 -13.84 -9.29
C GLU A 294 -3.56 -14.21 -10.76
N LEU A 295 -2.61 -15.00 -11.28
CA LEU A 295 -2.62 -15.47 -12.67
C LEU A 295 -3.76 -16.45 -12.89
N LEU A 296 -4.07 -17.25 -11.85
CA LEU A 296 -5.18 -18.20 -11.86
C LEU A 296 -6.52 -17.49 -11.69
N LEU A 297 -6.63 -16.54 -10.76
CA LEU A 297 -7.87 -15.80 -10.49
C LEU A 297 -8.26 -14.74 -11.51
N GLY A 298 -7.30 -14.05 -12.10
CA GLY A 298 -7.53 -12.93 -13.00
C GLY A 298 -7.48 -11.60 -12.27
N GLN A 299 -7.21 -11.65 -10.96
CA GLN A 299 -7.12 -10.47 -10.07
C GLN A 299 -6.30 -10.81 -8.83
N PRO A 300 -5.78 -9.80 -8.08
CA PRO A 300 -4.99 -10.11 -6.87
C PRO A 300 -5.79 -10.89 -5.83
N ILE A 301 -5.14 -11.85 -5.16
CA ILE A 301 -5.81 -12.68 -4.15
C ILE A 301 -5.98 -11.93 -2.82
N PHE A 302 -4.98 -11.11 -2.42
CA PHE A 302 -5.07 -10.39 -1.14
C PHE A 302 -5.03 -8.86 -1.31
N PRO A 303 -6.04 -8.24 -1.98
CA PRO A 303 -6.01 -6.78 -2.15
C PRO A 303 -6.33 -6.03 -0.85
N GLY A 304 -6.18 -4.72 -0.85
CA GLY A 304 -6.45 -3.88 0.30
C GLY A 304 -5.48 -2.73 0.36
N ASP A 305 -6.00 -1.50 0.63
CA ASP A 305 -5.16 -0.30 0.68
C ASP A 305 -4.43 -0.11 1.99
N SER A 306 -4.76 -0.91 3.02
CA SER A 306 -4.09 -0.91 4.30
C SER A 306 -3.71 -2.34 4.68
N GLY A 307 -2.79 -2.48 5.64
CA GLY A 307 -2.37 -3.78 6.14
C GLY A 307 -3.54 -4.53 6.74
N VAL A 308 -4.42 -3.80 7.47
CA VAL A 308 -5.62 -4.36 8.09
C VAL A 308 -6.50 -5.04 7.04
N ASP A 309 -6.77 -4.34 5.91
CA ASP A 309 -7.61 -4.89 4.84
C ASP A 309 -6.96 -6.11 4.19
N GLN A 310 -5.65 -6.05 3.95
CA GLN A 310 -4.83 -7.13 3.41
C GLN A 310 -4.92 -8.36 4.29
N LEU A 311 -4.75 -8.20 5.63
CA LEU A 311 -4.86 -9.25 6.65
C LEU A 311 -6.26 -9.88 6.67
N VAL A 312 -7.33 -9.06 6.51
CA VAL A 312 -8.71 -9.56 6.47
C VAL A 312 -8.86 -10.52 5.28
N GLU A 313 -8.32 -10.14 4.11
CA GLU A 313 -8.33 -10.95 2.89
C GLU A 313 -7.54 -12.23 3.03
N ILE A 314 -6.43 -12.20 3.79
CA ILE A 314 -5.59 -13.36 4.05
C ILE A 314 -6.37 -14.31 4.97
N ILE A 315 -6.93 -13.76 6.07
CA ILE A 315 -7.73 -14.52 7.05
C ILE A 315 -8.96 -15.17 6.39
N LYS A 316 -9.63 -14.48 5.45
CA LYS A 316 -10.79 -15.04 4.73
C LYS A 316 -10.45 -16.35 3.99
N VAL A 317 -9.19 -16.50 3.54
CA VAL A 317 -8.76 -17.68 2.77
C VAL A 317 -8.08 -18.68 3.69
N LEU A 318 -7.07 -18.23 4.42
CA LEU A 318 -6.25 -19.08 5.27
C LEU A 318 -6.91 -19.46 6.60
N GLY A 319 -7.89 -18.68 7.04
CA GLY A 319 -8.51 -18.87 8.34
C GLY A 319 -7.72 -18.06 9.35
N THR A 320 -8.26 -17.85 10.55
CA THR A 320 -7.57 -17.06 11.57
C THR A 320 -6.23 -17.72 11.96
N PRO A 321 -5.09 -16.96 12.05
CA PRO A 321 -3.84 -17.61 12.45
C PRO A 321 -3.84 -17.98 13.93
N THR A 322 -3.27 -19.15 14.27
CA THR A 322 -3.15 -19.62 15.66
C THR A 322 -2.08 -18.78 16.37
N ARG A 323 -2.05 -18.81 17.73
CA ARG A 323 -1.07 -18.04 18.49
C ARG A 323 0.39 -18.41 18.19
N GLU A 324 0.63 -19.69 17.83
CA GLU A 324 1.97 -20.18 17.45
C GLU A 324 2.32 -19.67 16.04
N GLN A 325 1.33 -19.67 15.10
CA GLN A 325 1.49 -19.13 13.75
C GLN A 325 1.86 -17.65 13.82
N ILE A 326 1.20 -16.87 14.72
CA ILE A 326 1.48 -15.46 14.96
C ILE A 326 2.90 -15.29 15.51
N ARG A 327 3.29 -16.15 16.47
CA ARG A 327 4.61 -16.18 17.10
C ARG A 327 5.71 -16.43 16.05
N GLU A 328 5.46 -17.32 15.08
CA GLU A 328 6.40 -17.62 13.99
C GLU A 328 6.57 -16.44 12.99
N MET A 329 5.53 -15.59 12.85
CA MET A 329 5.54 -14.38 12.00
C MET A 329 6.20 -13.19 12.75
N ASN A 330 5.55 -12.68 13.82
CA ASN A 330 6.07 -11.58 14.66
C ASN A 330 5.71 -11.92 16.11
N PRO A 331 6.75 -12.16 16.96
CA PRO A 331 6.48 -12.53 18.37
C PRO A 331 5.71 -11.53 19.23
N ASN A 332 6.04 -10.22 19.13
CA ASN A 332 5.41 -9.15 19.92
C ASN A 332 4.05 -8.63 19.41
N TYR A 333 3.27 -9.52 18.75
CA TYR A 333 1.96 -9.19 18.17
C TYR A 333 0.87 -10.23 18.53
N THR A 334 1.17 -11.14 19.48
CA THR A 334 0.27 -12.23 19.93
C THR A 334 -0.96 -11.72 20.73
N GLU A 335 -0.79 -10.64 21.52
CA GLU A 335 -1.84 -10.01 22.36
C GLU A 335 -3.02 -9.43 21.53
N PHE A 336 -2.71 -8.75 20.39
CA PHE A 336 -3.72 -8.14 19.49
C PHE A 336 -4.56 -9.24 18.81
N LYS A 337 -5.89 -9.03 18.73
CA LYS A 337 -6.81 -9.99 18.14
C LYS A 337 -7.44 -9.63 16.78
N PHE A 338 -7.85 -10.68 16.03
CA PHE A 338 -8.41 -10.63 14.67
C PHE A 338 -9.79 -11.32 14.63
N PRO A 339 -10.65 -11.08 13.60
CA PRO A 339 -11.96 -11.76 13.57
C PRO A 339 -11.87 -13.26 13.33
N GLN A 340 -12.58 -14.06 14.15
CA GLN A 340 -12.60 -15.52 14.07
C GLN A 340 -13.30 -16.04 12.81
N ILE A 341 -12.50 -16.32 11.77
CA ILE A 341 -12.95 -16.81 10.47
C ILE A 341 -12.41 -18.23 10.23
N LYS A 342 -13.32 -19.15 9.84
CA LYS A 342 -12.97 -20.53 9.50
C LYS A 342 -12.32 -20.52 8.12
N ALA A 343 -11.33 -21.40 7.90
CA ALA A 343 -10.58 -21.49 6.64
C ALA A 343 -11.45 -21.83 5.44
N HIS A 344 -11.41 -20.95 4.40
CA HIS A 344 -12.13 -21.13 3.15
C HIS A 344 -11.43 -22.26 2.37
N PRO A 345 -12.15 -23.34 1.96
CA PRO A 345 -11.46 -24.41 1.21
C PRO A 345 -10.86 -23.84 -0.06
N TRP A 346 -9.55 -24.08 -0.26
CA TRP A 346 -8.76 -23.59 -1.40
C TRP A 346 -9.40 -23.89 -2.78
N THR A 347 -10.09 -25.04 -2.93
CA THR A 347 -10.78 -25.40 -4.18
C THR A 347 -11.93 -24.42 -4.47
N LYS A 348 -12.58 -23.89 -3.41
CA LYS A 348 -13.65 -22.90 -3.52
C LYS A 348 -13.15 -21.47 -3.85
N VAL A 349 -11.84 -21.20 -3.64
CA VAL A 349 -11.19 -19.89 -3.92
C VAL A 349 -11.11 -19.68 -5.43
N PHE A 350 -10.73 -20.73 -6.18
CA PHE A 350 -10.54 -20.67 -7.63
C PHE A 350 -11.73 -21.17 -8.46
N ARG A 351 -11.83 -20.73 -9.75
CA ARG A 351 -12.86 -21.16 -10.71
C ARG A 351 -12.95 -22.71 -10.82
N PRO A 352 -14.10 -23.30 -11.24
CA PRO A 352 -14.20 -24.79 -11.23
C PRO A 352 -13.17 -25.60 -12.01
N ARG A 353 -12.78 -25.14 -13.21
CA ARG A 353 -11.82 -25.91 -14.02
C ARG A 353 -10.30 -25.71 -13.71
N THR A 354 -9.97 -25.06 -12.58
CA THR A 354 -8.60 -24.82 -12.12
C THR A 354 -7.91 -26.16 -11.80
N PRO A 355 -6.73 -26.43 -12.41
CA PRO A 355 -6.02 -27.69 -12.09
C PRO A 355 -5.81 -27.92 -10.59
N PRO A 356 -6.17 -29.11 -10.06
CA PRO A 356 -6.00 -29.36 -8.62
C PRO A 356 -4.57 -29.15 -8.10
N GLU A 357 -3.58 -29.39 -8.97
CA GLU A 357 -2.15 -29.25 -8.70
C GLU A 357 -1.76 -27.77 -8.52
N ALA A 358 -2.44 -26.85 -9.25
CA ALA A 358 -2.21 -25.41 -9.15
C ALA A 358 -2.63 -24.93 -7.77
N ILE A 359 -3.79 -25.43 -7.28
CA ILE A 359 -4.39 -25.11 -5.97
C ILE A 359 -3.51 -25.65 -4.85
N ALA A 360 -3.05 -26.92 -4.99
CA ALA A 360 -2.17 -27.57 -4.01
C ALA A 360 -0.86 -26.76 -3.88
N LEU A 361 -0.27 -26.28 -5.02
CA LEU A 361 0.93 -25.42 -5.02
C LEU A 361 0.64 -24.14 -4.20
N CYS A 362 -0.49 -23.42 -4.46
CA CYS A 362 -0.86 -22.20 -3.72
C CYS A 362 -0.88 -22.41 -2.23
N SER A 363 -1.60 -23.46 -1.79
CA SER A 363 -1.76 -23.78 -0.38
C SER A 363 -0.43 -24.01 0.32
N ARG A 364 0.58 -24.52 -0.41
CA ARG A 364 1.92 -24.82 0.12
C ARG A 364 2.90 -23.63 0.07
N LEU A 365 2.57 -22.62 -0.72
CA LEU A 365 3.35 -21.38 -0.83
C LEU A 365 2.79 -20.35 0.15
N LEU A 366 1.46 -20.30 0.22
CA LEU A 366 0.72 -19.33 1.02
C LEU A 366 0.36 -19.82 2.42
N GLU A 367 1.40 -20.03 3.23
CA GLU A 367 1.33 -20.51 4.62
C GLU A 367 1.69 -19.39 5.56
N TYR A 368 0.99 -19.28 6.72
CA TYR A 368 1.30 -18.30 7.76
C TYR A 368 2.72 -18.49 8.27
N THR A 369 3.05 -19.74 8.66
CA THR A 369 4.39 -20.06 9.19
C THR A 369 5.44 -19.97 8.08
N PRO A 370 6.37 -19.00 8.14
CA PRO A 370 7.39 -18.87 7.06
C PRO A 370 8.18 -20.14 6.74
N THR A 371 8.54 -20.94 7.79
CA THR A 371 9.28 -22.21 7.65
C THR A 371 8.43 -23.33 7.05
N ALA A 372 7.09 -23.23 7.08
CA ALA A 372 6.21 -24.25 6.50
C ALA A 372 6.04 -24.11 4.94
N ARG A 373 6.44 -22.93 4.37
CA ARG A 373 6.31 -22.69 2.92
C ARG A 373 7.36 -23.52 2.16
N LEU A 374 7.03 -23.97 0.94
CA LEU A 374 7.96 -24.70 0.08
C LEU A 374 9.12 -23.79 -0.21
N THR A 375 10.31 -24.36 -0.48
CA THR A 375 11.46 -23.56 -0.88
C THR A 375 11.26 -23.38 -2.39
N PRO A 376 11.94 -22.41 -3.04
CA PRO A 376 11.80 -22.28 -4.50
C PRO A 376 12.13 -23.56 -5.29
N LEU A 377 13.21 -24.29 -4.91
CA LEU A 377 13.63 -25.52 -5.58
C LEU A 377 12.58 -26.61 -5.44
N GLU A 378 11.97 -26.73 -4.26
CA GLU A 378 10.90 -27.69 -4.02
C GLU A 378 9.67 -27.32 -4.84
N ALA A 379 9.43 -25.98 -5.07
CA ALA A 379 8.28 -25.53 -5.85
C ALA A 379 8.50 -25.92 -7.33
N CYS A 380 9.75 -25.85 -7.82
CA CYS A 380 10.11 -26.29 -9.19
C CYS A 380 9.77 -27.77 -9.42
N ALA A 381 10.00 -28.62 -8.38
CA ALA A 381 9.80 -30.08 -8.37
C ALA A 381 8.36 -30.50 -8.13
N HIS A 382 7.46 -29.51 -7.88
CA HIS A 382 6.03 -29.75 -7.63
C HIS A 382 5.34 -30.35 -8.85
N SER A 383 4.29 -31.17 -8.61
CA SER A 383 3.51 -31.83 -9.66
C SER A 383 2.89 -30.88 -10.68
N PHE A 384 2.56 -29.62 -10.28
CA PHE A 384 1.99 -28.62 -11.18
C PHE A 384 2.89 -28.37 -12.39
N PHE A 385 4.20 -28.53 -12.21
CA PHE A 385 5.15 -28.33 -13.30
C PHE A 385 5.49 -29.59 -14.12
N ASP A 386 4.83 -30.74 -13.85
CA ASP A 386 5.08 -32.01 -14.57
C ASP A 386 4.97 -31.90 -16.09
N GLU A 387 4.01 -31.13 -16.61
CA GLU A 387 3.85 -30.93 -18.06
C GLU A 387 5.12 -30.31 -18.70
N LEU A 388 5.81 -29.42 -17.97
CA LEU A 388 7.05 -28.81 -18.48
C LEU A 388 8.17 -29.84 -18.65
N ARG A 389 8.10 -30.95 -17.88
CA ARG A 389 9.07 -32.03 -17.93
C ARG A 389 8.77 -33.09 -19.02
N ASP A 390 7.61 -32.96 -19.69
CA ASP A 390 7.18 -33.86 -20.76
C ASP A 390 8.04 -33.66 -21.99
N PRO A 391 8.63 -34.74 -22.58
CA PRO A 391 9.45 -34.55 -23.80
C PRO A 391 8.69 -33.99 -25.01
N ASN A 392 7.37 -34.12 -25.02
CA ASN A 392 6.54 -33.65 -26.14
C ASN A 392 6.00 -32.22 -26.02
N VAL A 393 6.24 -31.54 -24.86
CA VAL A 393 5.71 -30.20 -24.60
C VAL A 393 6.23 -29.20 -25.63
N LYS A 394 5.34 -28.34 -26.11
CA LYS A 394 5.65 -27.29 -27.08
C LYS A 394 4.93 -26.04 -26.65
N LEU A 395 5.37 -24.89 -27.16
CA LEU A 395 4.67 -23.64 -26.88
C LEU A 395 3.44 -23.54 -27.83
N PRO A 396 2.36 -22.81 -27.42
CA PRO A 396 1.19 -22.61 -28.33
C PRO A 396 1.53 -22.06 -29.72
N ASN A 397 2.65 -21.34 -29.85
CA ASN A 397 3.12 -20.83 -31.16
C ASN A 397 3.93 -21.86 -31.96
N GLY A 398 4.00 -23.10 -31.47
CA GLY A 398 4.73 -24.18 -32.13
C GLY A 398 6.19 -24.33 -31.75
N ARG A 399 6.80 -23.29 -31.15
CA ARG A 399 8.21 -23.35 -30.75
C ARG A 399 8.45 -24.30 -29.59
N ASP A 400 9.70 -24.71 -29.42
CA ASP A 400 10.13 -25.50 -28.27
C ASP A 400 10.05 -24.60 -27.04
N THR A 401 9.89 -25.21 -25.87
CA THR A 401 9.92 -24.45 -24.61
C THR A 401 11.35 -23.87 -24.43
N PRO A 402 11.54 -22.77 -23.64
CA PRO A 402 12.90 -22.26 -23.44
C PRO A 402 13.72 -23.18 -22.55
N ALA A 403 14.96 -22.80 -22.19
CA ALA A 403 15.85 -23.57 -21.28
C ALA A 403 15.17 -23.73 -19.91
N LEU A 404 15.01 -24.98 -19.44
CA LEU A 404 14.32 -25.25 -18.18
C LEU A 404 15.09 -26.17 -17.25
N PHE A 405 16.07 -26.91 -17.79
CA PHE A 405 16.76 -27.96 -17.04
C PHE A 405 18.26 -27.77 -16.88
N ASN A 406 18.79 -26.65 -17.32
CA ASN A 406 20.23 -26.38 -17.20
C ASN A 406 20.62 -25.94 -15.77
N PHE A 407 20.24 -26.76 -14.78
CA PHE A 407 20.55 -26.51 -13.38
C PHE A 407 22.07 -26.63 -13.10
N THR A 408 22.59 -25.77 -12.22
CA THR A 408 24.01 -25.83 -11.78
C THR A 408 24.03 -26.38 -10.35
N THR A 409 25.23 -26.70 -9.81
CA THR A 409 25.42 -27.17 -8.43
C THR A 409 24.96 -26.08 -7.45
N GLN A 410 25.30 -24.82 -7.75
CA GLN A 410 24.91 -23.64 -6.98
C GLN A 410 23.37 -23.61 -6.80
N GLU A 411 22.65 -23.68 -7.95
CA GLU A 411 21.19 -23.65 -8.04
C GLU A 411 20.54 -24.80 -7.28
N LEU A 412 21.18 -25.97 -7.27
CA LEU A 412 20.66 -27.17 -6.60
C LEU A 412 21.09 -27.34 -5.14
N SER A 413 22.06 -26.52 -4.67
CA SER A 413 22.67 -26.60 -3.33
C SER A 413 21.78 -26.80 -2.11
N SER A 414 20.56 -26.22 -2.11
CA SER A 414 19.63 -26.37 -0.99
C SER A 414 19.13 -27.80 -0.83
N ASN A 415 19.04 -28.56 -1.94
CA ASN A 415 18.55 -29.94 -1.92
C ASN A 415 19.02 -30.69 -3.19
N PRO A 416 20.32 -31.09 -3.28
CA PRO A 416 20.80 -31.82 -4.47
C PRO A 416 19.96 -33.04 -4.90
N PRO A 417 19.39 -33.91 -4.01
CA PRO A 417 18.53 -35.02 -4.51
C PRO A 417 17.36 -34.64 -5.42
N LEU A 418 16.90 -33.36 -5.37
CA LEU A 418 15.77 -32.90 -6.18
C LEU A 418 16.06 -32.97 -7.67
N ALA A 419 17.36 -32.94 -8.06
CA ALA A 419 17.84 -33.07 -9.44
C ALA A 419 17.25 -34.28 -10.17
N THR A 420 16.87 -35.36 -9.43
CA THR A 420 16.25 -36.56 -10.01
C THR A 420 14.85 -36.27 -10.57
N ILE A 421 14.16 -35.27 -9.99
CA ILE A 421 12.86 -34.84 -10.50
C ILE A 421 13.12 -33.76 -11.51
N LEU A 422 13.93 -32.76 -11.14
CA LEU A 422 14.20 -31.55 -11.91
C LEU A 422 14.76 -31.68 -13.30
N ILE A 423 15.69 -32.64 -13.51
CA ILE A 423 16.30 -32.87 -14.82
C ILE A 423 15.68 -34.17 -15.34
N PRO A 424 14.67 -34.08 -16.25
CA PRO A 424 14.03 -35.31 -16.74
C PRO A 424 14.95 -36.18 -17.62
N PRO A 425 14.60 -37.47 -17.82
CA PRO A 425 15.48 -38.38 -18.59
C PRO A 425 15.90 -37.88 -19.96
N HIS A 426 14.99 -37.24 -20.72
CA HIS A 426 15.32 -36.71 -22.06
C HIS A 426 16.22 -35.45 -22.06
N ALA A 427 16.27 -34.74 -20.94
CA ALA A 427 17.00 -33.48 -20.86
C ALA A 427 18.52 -33.56 -20.85
N ARG A 428 19.12 -32.61 -21.56
CA ARG A 428 20.55 -32.27 -21.63
C ARG A 428 21.61 -33.37 -21.82
N ILE A 429 21.49 -34.15 -22.91
CA ILE A 429 22.48 -35.16 -23.26
C ILE A 429 23.23 -34.69 -24.52
N GLN A 430 24.43 -34.33 -24.40
N SER B 80 -42.94 0.38 -2.09
CA SER B 80 -41.67 -0.34 -1.90
C SER B 80 -41.68 -1.16 -0.59
N LYS B 81 -40.63 -1.99 -0.38
CA LYS B 81 -40.47 -2.82 0.84
C LYS B 81 -40.11 -1.94 2.03
N VAL B 82 -40.87 -2.09 3.12
CA VAL B 82 -40.66 -1.36 4.37
C VAL B 82 -40.11 -2.31 5.43
N THR B 83 -38.94 -1.96 5.99
CA THR B 83 -38.29 -2.71 7.06
C THR B 83 -38.51 -1.94 8.37
N THR B 84 -39.07 -2.62 9.38
CA THR B 84 -39.31 -2.05 10.70
C THR B 84 -38.46 -2.81 11.69
N VAL B 85 -37.69 -2.06 12.48
CA VAL B 85 -36.76 -2.60 13.46
C VAL B 85 -36.95 -1.86 14.77
N VAL B 86 -36.52 -2.47 15.87
CA VAL B 86 -36.53 -1.82 17.15
C VAL B 86 -35.07 -1.59 17.46
N ALA B 87 -34.68 -0.31 17.43
CA ALA B 87 -33.29 0.09 17.60
C ALA B 87 -33.07 0.95 18.83
N THR B 88 -31.85 0.93 19.32
CA THR B 88 -31.44 1.74 20.45
C THR B 88 -30.92 3.08 19.92
N PRO B 89 -31.35 4.23 20.49
CA PRO B 89 -30.76 5.53 20.04
C PRO B 89 -29.25 5.54 20.32
N GLY B 90 -28.48 6.15 19.42
CA GLY B 90 -27.03 6.19 19.54
C GLY B 90 -26.50 6.87 20.79
N GLN B 91 -27.17 7.94 21.23
CA GLN B 91 -26.78 8.68 22.43
C GLN B 91 -27.97 8.73 23.42
N GLY B 92 -27.64 8.96 24.68
CA GLY B 92 -28.63 9.12 25.74
C GLY B 92 -29.12 7.82 26.33
N PRO B 93 -30.35 7.82 26.89
CA PRO B 93 -30.86 6.62 27.57
C PRO B 93 -31.33 5.52 26.64
N ASP B 94 -31.13 4.24 27.07
CA ASP B 94 -31.60 3.09 26.29
C ASP B 94 -33.13 3.03 26.34
N ARG B 95 -33.74 3.76 25.41
CA ARG B 95 -35.17 3.86 25.20
C ARG B 95 -35.40 3.46 23.74
N PRO B 96 -35.59 2.16 23.47
CA PRO B 96 -35.72 1.69 22.09
C PRO B 96 -36.81 2.38 21.30
N GLN B 97 -36.52 2.59 20.03
CA GLN B 97 -37.42 3.23 19.12
C GLN B 97 -37.68 2.33 17.96
N GLU B 98 -38.87 2.46 17.39
CA GLU B 98 -39.34 1.70 16.27
C GLU B 98 -38.93 2.52 15.07
N VAL B 99 -38.02 1.97 14.28
CA VAL B 99 -37.48 2.67 13.13
C VAL B 99 -37.91 1.95 11.86
N SER B 100 -38.59 2.67 10.96
CA SER B 100 -39.07 2.15 9.67
C SER B 100 -38.34 2.82 8.52
N TYR B 101 -37.74 2.01 7.64
CA TYR B 101 -37.02 2.52 6.47
C TYR B 101 -37.32 1.75 5.20
N THR B 102 -37.15 2.44 4.06
CA THR B 102 -37.40 1.92 2.72
C THR B 102 -36.26 2.32 1.75
N ASP B 103 -36.33 1.84 0.48
CA ASP B 103 -35.39 2.13 -0.62
C ASP B 103 -33.93 1.82 -0.26
N THR B 104 -33.71 0.61 0.28
CA THR B 104 -32.40 0.10 0.70
C THR B 104 -31.54 -0.27 -0.53
N LYS B 105 -30.41 0.45 -0.70
CA LYS B 105 -29.43 0.26 -1.79
C LYS B 105 -28.05 0.14 -1.20
N VAL B 106 -27.18 -0.68 -1.82
CA VAL B 106 -25.78 -0.81 -1.41
C VAL B 106 -25.01 0.41 -1.93
N ILE B 107 -24.37 1.16 -1.02
CA ILE B 107 -23.56 2.32 -1.37
C ILE B 107 -22.07 2.02 -1.16
N GLY B 108 -21.78 0.97 -0.41
CA GLY B 108 -20.42 0.55 -0.14
C GLY B 108 -20.28 -0.92 0.19
N ASN B 109 -19.11 -1.48 -0.16
CA ASN B 109 -18.71 -2.86 0.07
C ASN B 109 -17.24 -2.84 0.42
N GLY B 110 -16.84 -3.70 1.35
CA GLY B 110 -15.45 -3.74 1.79
C GLY B 110 -15.12 -4.92 2.67
N SER B 111 -13.90 -4.91 3.24
CA SER B 111 -13.41 -5.96 4.13
C SER B 111 -14.25 -6.02 5.43
N PHE B 112 -14.77 -4.85 5.85
CA PHE B 112 -15.60 -4.63 7.03
C PHE B 112 -17.01 -5.26 6.95
N GLY B 113 -17.63 -5.16 5.77
CA GLY B 113 -18.99 -5.60 5.49
C GLY B 113 -19.65 -4.71 4.46
N VAL B 114 -20.91 -4.33 4.69
CA VAL B 114 -21.70 -3.53 3.75
C VAL B 114 -22.19 -2.26 4.42
N VAL B 115 -22.35 -1.18 3.61
CA VAL B 115 -22.93 0.09 3.95
C VAL B 115 -24.06 0.30 2.97
N TYR B 116 -25.27 0.52 3.50
CA TYR B 116 -26.45 0.75 2.70
C TYR B 116 -26.88 2.19 2.82
N GLN B 117 -27.75 2.61 1.93
CA GLN B 117 -28.44 3.87 2.00
C GLN B 117 -29.90 3.45 2.13
N ALA B 118 -30.66 4.17 2.94
CA ALA B 118 -32.07 3.90 3.18
C ALA B 118 -32.75 5.21 3.41
N LYS B 119 -34.08 5.23 3.23
CA LYS B 119 -34.90 6.41 3.42
C LYS B 119 -35.81 6.11 4.60
N LEU B 120 -35.81 6.99 5.63
CA LEU B 120 -36.68 6.84 6.79
C LEU B 120 -38.11 7.11 6.32
N CYS B 121 -39.01 6.14 6.53
CA CYS B 121 -40.42 6.20 6.13
C CYS B 121 -41.15 7.47 6.52
N ASP B 122 -41.01 7.94 7.74
CA ASP B 122 -41.78 9.12 8.08
C ASP B 122 -41.22 10.47 7.66
N SER B 123 -39.92 10.71 7.90
CA SER B 123 -39.33 12.00 7.50
C SER B 123 -38.89 12.05 6.04
N GLY B 124 -38.62 10.91 5.42
CA GLY B 124 -38.13 10.84 4.05
C GLY B 124 -36.64 11.09 3.96
N GLU B 125 -36.03 11.39 5.12
CA GLU B 125 -34.63 11.67 5.33
C GLU B 125 -33.77 10.43 5.08
N LEU B 126 -32.69 10.61 4.31
CA LEU B 126 -31.75 9.55 3.97
C LEU B 126 -30.79 9.27 5.14
N VAL B 127 -30.47 8.00 5.33
CA VAL B 127 -29.56 7.51 6.38
C VAL B 127 -28.67 6.45 5.75
N ALA B 128 -27.52 6.17 6.39
CA ALA B 128 -26.62 5.11 5.99
C ALA B 128 -26.71 4.02 7.05
N ILE B 129 -26.66 2.75 6.66
CA ILE B 129 -26.70 1.61 7.58
C ILE B 129 -25.44 0.81 7.34
N LYS B 130 -24.52 0.82 8.32
CA LYS B 130 -23.27 0.09 8.25
C LYS B 130 -23.53 -1.25 8.95
N LYS B 131 -23.50 -2.34 8.17
CA LYS B 131 -23.75 -3.70 8.63
C LYS B 131 -22.45 -4.50 8.64
N VAL B 132 -22.00 -4.85 9.84
CA VAL B 132 -20.79 -5.61 10.14
C VAL B 132 -21.18 -6.87 10.92
N LEU B 133 -20.28 -7.87 10.97
CA LEU B 133 -20.51 -9.11 11.72
C LEU B 133 -20.18 -8.88 13.21
N GLN B 134 -21.06 -9.36 14.10
CA GLN B 134 -20.89 -9.24 15.54
C GLN B 134 -20.05 -10.40 16.04
N ASP B 135 -18.88 -10.10 16.63
CA ASP B 135 -17.97 -11.10 17.22
C ASP B 135 -18.60 -11.52 18.57
N LYS B 136 -18.84 -12.84 18.72
CA LYS B 136 -19.46 -13.44 19.91
C LYS B 136 -18.60 -13.27 21.18
N ARG B 137 -17.27 -13.16 21.02
CA ARG B 137 -16.29 -13.00 22.10
C ARG B 137 -16.36 -11.66 22.83
N PHE B 138 -16.32 -10.54 22.07
CA PHE B 138 -16.28 -9.21 22.66
C PHE B 138 -17.25 -8.17 22.10
N LYS B 139 -17.32 -7.03 22.80
CA LYS B 139 -18.12 -5.85 22.43
C LYS B 139 -17.46 -5.14 21.23
N ASN B 140 -18.28 -4.69 20.27
CA ASN B 140 -17.81 -3.98 19.08
C ASN B 140 -17.18 -2.62 19.44
N ARG B 141 -15.86 -2.49 19.16
CA ARG B 141 -15.07 -1.29 19.41
C ARG B 141 -15.62 -0.04 18.71
N GLU B 142 -16.08 -0.17 17.45
CA GLU B 142 -16.60 0.95 16.67
C GLU B 142 -17.88 1.49 17.30
N LEU B 143 -18.79 0.59 17.68
CA LEU B 143 -20.03 0.96 18.36
C LEU B 143 -19.75 1.74 19.65
N GLN B 144 -18.83 1.25 20.50
CA GLN B 144 -18.47 1.91 21.76
C GLN B 144 -17.91 3.31 21.57
N ILE B 145 -17.10 3.52 20.51
CA ILE B 145 -16.55 4.85 20.19
C ILE B 145 -17.70 5.74 19.68
N MET B 146 -18.54 5.26 18.72
CA MET B 146 -19.66 6.02 18.13
C MET B 146 -20.66 6.53 19.17
N ARG B 147 -20.96 5.69 20.18
CA ARG B 147 -21.90 6.02 21.27
C ARG B 147 -21.44 7.24 22.08
N LYS B 148 -20.13 7.51 22.13
CA LYS B 148 -19.55 8.65 22.85
C LYS B 148 -19.53 9.95 22.05
N LEU B 149 -19.68 9.88 20.71
CA LEU B 149 -19.46 11.05 19.85
C LEU B 149 -20.69 11.81 19.40
N ASP B 150 -20.58 13.14 19.45
CA ASP B 150 -21.64 14.03 19.01
C ASP B 150 -20.99 15.32 18.53
N HIS B 151 -20.71 15.41 17.21
CA HIS B 151 -20.03 16.58 16.62
C HIS B 151 -20.57 16.82 15.23
N CYS B 152 -20.67 18.10 14.82
CA CYS B 152 -21.22 18.49 13.51
C CYS B 152 -20.39 18.03 12.30
N ASN B 153 -19.11 17.72 12.52
CA ASN B 153 -18.19 17.26 11.48
C ASN B 153 -17.89 15.78 11.57
N ILE B 154 -18.77 15.05 12.24
CA ILE B 154 -18.65 13.59 12.38
C ILE B 154 -20.01 13.01 12.13
N VAL B 155 -20.01 11.95 11.35
CA VAL B 155 -21.21 11.21 11.02
C VAL B 155 -21.75 10.63 12.35
N ARG B 156 -22.96 11.03 12.71
CA ARG B 156 -23.58 10.65 13.98
C ARG B 156 -24.21 9.28 13.94
N LEU B 157 -24.06 8.53 15.05
CA LEU B 157 -24.74 7.24 15.23
C LEU B 157 -26.15 7.59 15.75
N ARG B 158 -27.13 7.47 14.89
CA ARG B 158 -28.52 7.74 15.20
C ARG B 158 -29.11 6.57 16.01
N TYR B 159 -28.96 5.34 15.48
CA TYR B 159 -29.48 4.13 16.10
C TYR B 159 -28.55 2.98 15.87
N PHE B 160 -28.75 1.90 16.61
CA PHE B 160 -28.07 0.64 16.42
C PHE B 160 -28.99 -0.50 16.76
N PHE B 161 -28.89 -1.60 16.00
CA PHE B 161 -29.71 -2.80 16.19
C PHE B 161 -28.97 -4.02 15.69
N TYR B 162 -29.45 -5.20 16.11
CA TYR B 162 -28.90 -6.48 15.72
C TYR B 162 -29.84 -7.21 14.78
N SER B 163 -29.26 -7.96 13.83
CA SER B 163 -30.00 -8.69 12.81
C SER B 163 -29.33 -10.02 12.41
N SER B 164 -30.12 -10.89 11.76
CA SER B 164 -29.79 -12.24 11.26
C SER B 164 -28.81 -12.22 10.06
N GLY B 165 -29.01 -11.24 9.16
CA GLY B 165 -28.20 -11.01 7.96
C GLY B 165 -28.18 -12.08 6.87
N GLU B 166 -27.15 -11.99 6.00
CA GLU B 166 -26.91 -12.85 4.84
C GLU B 166 -26.44 -14.27 5.24
N LYS B 167 -25.37 -14.38 6.05
CA LYS B 167 -24.85 -15.67 6.52
C LYS B 167 -25.74 -16.27 7.61
N LYS B 168 -26.09 -17.56 7.43
CA LYS B 168 -26.96 -18.35 8.31
C LYS B 168 -26.43 -18.56 9.74
N ASP B 169 -27.31 -18.28 10.73
CA ASP B 169 -27.11 -18.45 12.18
C ASP B 169 -26.04 -17.57 12.87
N GLU B 170 -25.66 -16.44 12.23
CA GLU B 170 -24.71 -15.46 12.80
C GLU B 170 -25.37 -14.07 12.99
N VAL B 171 -24.88 -13.29 13.97
CA VAL B 171 -25.46 -11.99 14.31
C VAL B 171 -24.72 -10.83 13.66
N TYR B 172 -25.47 -9.87 13.14
CA TYR B 172 -24.91 -8.69 12.50
C TYR B 172 -25.25 -7.42 13.29
N LEU B 173 -24.25 -6.58 13.52
CA LEU B 173 -24.46 -5.27 14.14
C LEU B 173 -24.77 -4.29 13.00
N ASN B 174 -25.84 -3.48 13.16
CA ASN B 174 -26.28 -2.47 12.20
C ASN B 174 -26.17 -1.06 12.80
N LEU B 175 -25.35 -0.20 12.19
CA LEU B 175 -25.16 1.17 12.65
C LEU B 175 -25.90 2.11 11.73
N VAL B 176 -26.96 2.77 12.25
CA VAL B 176 -27.75 3.75 11.51
C VAL B 176 -27.08 5.12 11.72
N LEU B 177 -26.50 5.65 10.60
CA LEU B 177 -25.69 6.85 10.59
C LEU B 177 -26.27 7.96 9.75
N ASP B 178 -25.76 9.19 9.94
CA ASP B 178 -26.09 10.29 9.04
C ASP B 178 -25.59 9.86 7.66
N TYR B 179 -26.37 10.15 6.61
CA TYR B 179 -25.96 9.90 5.22
C TYR B 179 -25.50 11.26 4.66
N VAL B 180 -24.29 11.30 4.06
CA VAL B 180 -23.72 12.52 3.43
C VAL B 180 -23.39 12.05 2.01
N PRO B 181 -23.90 12.74 0.94
CA PRO B 181 -23.86 12.15 -0.42
C PRO B 181 -22.55 12.06 -1.21
N GLU B 182 -21.60 12.94 -0.93
CA GLU B 182 -20.34 12.93 -1.66
C GLU B 182 -19.13 12.64 -0.76
N THR B 183 -17.97 12.40 -1.37
CA THR B 183 -16.71 12.19 -0.66
C THR B 183 -15.67 13.15 -1.22
N VAL B 184 -14.64 13.48 -0.43
CA VAL B 184 -13.54 14.33 -0.86
C VAL B 184 -12.81 13.62 -2.04
N TYR B 185 -12.70 12.29 -1.97
CA TYR B 185 -12.08 11.42 -2.98
C TYR B 185 -12.72 11.64 -4.37
N ARG B 186 -14.06 11.54 -4.45
CA ARG B 186 -14.84 11.73 -5.68
C ARG B 186 -14.74 13.17 -6.21
N VAL B 187 -14.86 14.17 -5.34
CA VAL B 187 -14.75 15.58 -5.69
C VAL B 187 -13.36 15.89 -6.24
N ALA B 188 -12.30 15.48 -5.54
CA ALA B 188 -10.92 15.69 -5.96
C ALA B 188 -10.63 15.03 -7.31
N ARG B 189 -11.12 13.80 -7.52
CA ARG B 189 -10.95 13.06 -8.77
C ARG B 189 -11.69 13.75 -9.96
N HIS B 190 -12.85 14.39 -9.73
CA HIS B 190 -13.58 15.14 -10.75
C HIS B 190 -12.72 16.31 -11.24
N TYR B 191 -12.08 17.04 -10.31
CA TYR B 191 -11.23 18.18 -10.67
C TYR B 191 -9.97 17.72 -11.37
N SER B 192 -9.35 16.66 -10.86
CA SER B 192 -8.12 16.07 -11.39
C SER B 192 -8.31 15.58 -12.83
N ARG B 193 -9.42 14.88 -13.12
CA ARG B 193 -9.75 14.38 -14.46
C ARG B 193 -9.98 15.55 -15.43
N ALA B 194 -10.64 16.64 -14.95
CA ALA B 194 -10.91 17.85 -15.73
C ALA B 194 -9.68 18.79 -15.80
N LYS B 195 -8.51 18.33 -15.32
CA LYS B 195 -7.25 19.08 -15.27
C LYS B 195 -7.29 20.40 -14.45
N GLN B 196 -8.27 20.51 -13.55
CA GLN B 196 -8.47 21.66 -12.67
C GLN B 196 -8.17 21.33 -11.20
N THR B 197 -8.01 22.37 -10.36
CA THR B 197 -7.86 22.19 -8.91
C THR B 197 -9.12 22.72 -8.26
N LEU B 198 -9.43 22.12 -7.12
CA LEU B 198 -10.58 22.53 -6.33
C LEU B 198 -10.31 23.98 -5.84
N PRO B 199 -11.26 24.92 -6.01
CA PRO B 199 -11.06 26.28 -5.47
C PRO B 199 -10.66 26.26 -3.99
N VAL B 200 -9.68 27.09 -3.62
CA VAL B 200 -9.07 27.21 -2.28
C VAL B 200 -10.09 27.43 -1.13
N ILE B 201 -11.23 28.08 -1.41
CA ILE B 201 -12.29 28.29 -0.43
C ILE B 201 -12.82 26.95 0.08
N TYR B 202 -12.97 25.94 -0.82
CA TYR B 202 -13.40 24.58 -0.45
C TYR B 202 -12.27 23.84 0.26
N VAL B 203 -11.01 24.02 -0.17
CA VAL B 203 -9.85 23.42 0.51
C VAL B 203 -9.82 23.93 1.98
N LYS B 204 -10.04 25.24 2.20
CA LYS B 204 -10.12 25.86 3.53
C LYS B 204 -11.29 25.28 4.32
N LEU B 205 -12.49 25.25 3.74
CA LEU B 205 -13.68 24.74 4.42
C LEU B 205 -13.57 23.28 4.81
N TYR B 206 -13.09 22.42 3.88
CA TYR B 206 -12.97 20.98 4.09
C TYR B 206 -11.93 20.65 5.12
N MET B 207 -10.75 21.25 5.00
CA MET B 207 -9.63 21.04 5.92
C MET B 207 -9.91 21.54 7.33
N TYR B 208 -10.57 22.69 7.46
CA TYR B 208 -10.94 23.25 8.76
C TYR B 208 -11.88 22.30 9.51
N GLN B 209 -12.93 21.85 8.81
CA GLN B 209 -13.92 20.95 9.37
C GLN B 209 -13.29 19.62 9.76
N LEU B 210 -12.29 19.13 8.98
CA LEU B 210 -11.58 17.90 9.29
C LEU B 210 -10.77 18.12 10.58
N PHE B 211 -10.05 19.24 10.69
CA PHE B 211 -9.30 19.55 11.90
C PHE B 211 -10.18 19.68 13.16
N ARG B 212 -11.42 20.20 13.02
CA ARG B 212 -12.38 20.27 14.13
C ARG B 212 -12.79 18.86 14.56
N SER B 213 -13.10 17.95 13.59
CA SER B 213 -13.48 16.57 13.88
C SER B 213 -12.34 15.84 14.63
N LEU B 214 -11.09 16.14 14.25
CA LEU B 214 -9.90 15.55 14.85
C LEU B 214 -9.62 16.10 16.25
N ALA B 215 -9.79 17.43 16.44
CA ALA B 215 -9.63 18.06 17.76
C ALA B 215 -10.62 17.42 18.75
N TYR B 216 -11.83 17.14 18.27
CA TYR B 216 -12.87 16.53 19.06
C TYR B 216 -12.58 15.10 19.47
N ILE B 217 -12.31 14.17 18.51
CA ILE B 217 -12.01 12.77 18.85
C ILE B 217 -10.73 12.65 19.67
N HIS B 218 -9.69 13.42 19.33
CA HIS B 218 -8.42 13.39 20.07
C HIS B 218 -8.59 13.85 21.54
N SER B 219 -9.61 14.71 21.81
CA SER B 219 -9.88 15.23 23.16
C SER B 219 -10.34 14.08 24.10
N PHE B 220 -10.86 12.98 23.50
CA PHE B 220 -11.27 11.77 24.21
C PHE B 220 -10.16 10.70 24.21
N GLY B 221 -8.99 11.04 23.67
CA GLY B 221 -7.87 10.12 23.49
C GLY B 221 -8.04 9.19 22.28
N ILE B 222 -9.10 9.41 21.47
CA ILE B 222 -9.43 8.59 20.28
C ILE B 222 -8.71 9.05 19.01
N CYS B 223 -8.00 8.10 18.37
CA CYS B 223 -7.29 8.29 17.10
C CYS B 223 -8.10 7.55 16.04
N HIS B 224 -8.41 8.22 14.92
CA HIS B 224 -9.19 7.65 13.81
C HIS B 224 -8.38 6.50 13.13
N ARG B 225 -7.09 6.74 12.87
CA ARG B 225 -6.14 5.79 12.26
C ARG B 225 -6.37 5.45 10.77
N ASP B 226 -7.38 6.03 10.12
CA ASP B 226 -7.60 5.78 8.69
C ASP B 226 -8.10 7.03 7.95
N ILE B 227 -7.43 8.19 8.18
CA ILE B 227 -7.79 9.46 7.55
C ILE B 227 -7.31 9.42 6.10
N LYS B 228 -8.27 9.59 5.18
CA LYS B 228 -8.05 9.52 3.74
C LYS B 228 -9.25 10.17 3.07
N PRO B 229 -9.09 10.65 1.81
CA PRO B 229 -10.21 11.30 1.10
C PRO B 229 -11.52 10.52 1.02
N GLN B 230 -11.47 9.18 0.95
CA GLN B 230 -12.68 8.33 0.92
C GLN B 230 -13.51 8.37 2.23
N ASN B 231 -12.87 8.69 3.37
CA ASN B 231 -13.52 8.72 4.67
C ASN B 231 -13.98 10.14 5.07
N LEU B 232 -13.93 11.06 4.10
CA LEU B 232 -14.31 12.46 4.30
C LEU B 232 -15.52 12.71 3.46
N LEU B 233 -16.68 12.75 4.09
CA LEU B 233 -17.93 12.94 3.38
C LEU B 233 -18.27 14.41 3.26
N LEU B 234 -18.93 14.80 2.16
CA LEU B 234 -19.27 16.19 1.84
C LEU B 234 -20.68 16.35 1.39
N ASP B 235 -21.31 17.44 1.78
CA ASP B 235 -22.61 17.81 1.25
C ASP B 235 -22.29 18.91 0.22
N PRO B 236 -22.56 18.67 -1.09
CA PRO B 236 -22.19 19.66 -2.13
C PRO B 236 -22.83 21.06 -2.00
N ASP B 237 -24.05 21.13 -1.47
CA ASP B 237 -24.77 22.38 -1.34
C ASP B 237 -24.40 23.21 -0.13
N THR B 238 -24.21 22.56 1.03
CA THR B 238 -23.90 23.27 2.28
C THR B 238 -22.43 23.39 2.57
N ALA B 239 -21.57 22.60 1.89
CA ALA B 239 -20.12 22.52 2.11
C ALA B 239 -19.77 21.94 3.52
N VAL B 240 -20.73 21.19 4.10
CA VAL B 240 -20.54 20.49 5.37
C VAL B 240 -19.66 19.26 5.08
N LEU B 241 -18.62 19.05 5.89
CA LEU B 241 -17.78 17.86 5.82
C LEU B 241 -18.05 17.06 7.09
N LYS B 242 -18.21 15.75 6.93
CA LYS B 242 -18.35 14.80 8.05
C LYS B 242 -17.37 13.66 7.88
N LEU B 243 -16.56 13.42 8.93
CA LEU B 243 -15.62 12.32 9.02
C LEU B 243 -16.46 11.05 9.20
N CYS B 244 -16.06 9.95 8.54
CA CYS B 244 -16.77 8.68 8.66
C CYS B 244 -15.79 7.53 8.81
N ASP B 245 -16.32 6.30 8.95
CA ASP B 245 -15.55 5.05 9.12
C ASP B 245 -14.70 5.01 10.37
N PHE B 246 -15.31 4.55 11.46
CA PHE B 246 -14.61 4.41 12.75
C PHE B 246 -14.16 2.97 13.02
N GLY B 247 -14.04 2.19 11.95
CA GLY B 247 -13.62 0.79 11.97
C GLY B 247 -12.20 0.54 12.40
N SER B 248 -11.31 1.56 12.30
CA SER B 248 -9.91 1.44 12.71
C SER B 248 -9.63 2.29 13.93
N ALA B 249 -10.63 3.09 14.36
CA ALA B 249 -10.46 4.02 15.47
C ALA B 249 -10.16 3.32 16.76
N LYS B 250 -9.27 3.94 17.55
CA LYS B 250 -8.89 3.38 18.84
C LYS B 250 -8.49 4.43 19.83
N GLN B 251 -8.85 4.20 21.11
CA GLN B 251 -8.39 5.05 22.21
C GLN B 251 -6.93 4.70 22.47
N LEU B 252 -6.02 5.65 22.25
CA LEU B 252 -4.60 5.43 22.45
C LEU B 252 -4.18 5.81 23.86
N VAL B 253 -3.65 4.83 24.60
CA VAL B 253 -3.17 4.97 25.99
C VAL B 253 -1.66 4.88 26.01
N ARG B 254 -0.98 5.88 26.60
CA ARG B 254 0.48 5.91 26.71
C ARG B 254 1.02 4.62 27.35
N GLY B 255 2.07 4.06 26.76
CA GLY B 255 2.67 2.80 27.21
C GLY B 255 1.99 1.55 26.70
N GLU B 256 0.79 1.68 26.12
CA GLU B 256 0.07 0.54 25.52
C GLU B 256 0.49 0.45 24.03
N PRO B 257 0.95 -0.73 23.54
CA PRO B 257 1.36 -0.81 22.13
C PRO B 257 0.17 -0.91 21.19
N ASN B 258 0.34 -0.38 19.98
CA ASN B 258 -0.73 -0.42 18.99
C ASN B 258 -0.23 -0.98 17.68
N VAL B 259 -1.10 -1.64 16.92
CA VAL B 259 -0.70 -2.19 15.60
C VAL B 259 -0.20 -1.11 14.63
N SER B 260 0.90 -1.40 13.92
CA SER B 260 1.47 -0.45 12.97
C SER B 260 0.89 -0.54 11.56
N TYR B 261 0.06 -1.56 11.28
CA TYR B 261 -0.49 -1.83 9.95
C TYR B 261 -1.85 -1.20 9.65
N ILE B 262 -2.29 -0.26 10.50
CA ILE B 262 -3.49 0.52 10.25
C ILE B 262 -3.10 1.64 9.23
N CYS B 263 -4.10 2.38 8.73
CA CYS B 263 -3.90 3.50 7.83
C CYS B 263 -3.57 3.09 6.39
N SER B 264 -4.18 3.79 5.45
CA SER B 264 -4.10 3.49 4.04
C SER B 264 -2.93 4.12 3.37
N ARG B 265 -2.38 3.41 2.36
CA ARG B 265 -1.24 3.82 1.53
C ARG B 265 -1.43 5.23 1.01
N TYR B 266 -0.36 6.02 1.06
CA TYR B 266 -0.24 7.44 0.71
C TYR B 266 -0.45 8.34 1.92
N TYR B 267 -1.27 7.91 2.92
CA TYR B 267 -1.65 8.74 4.07
C TYR B 267 -0.96 8.32 5.39
N ARG B 268 -0.09 7.31 5.32
CA ARG B 268 0.61 6.78 6.48
C ARG B 268 1.77 7.64 6.92
N ALA B 269 1.76 7.97 8.21
CA ALA B 269 2.83 8.73 8.88
C ALA B 269 4.15 7.94 8.79
N PRO B 270 5.32 8.60 8.69
CA PRO B 270 6.57 7.83 8.58
C PRO B 270 6.83 6.85 9.72
N GLU B 271 6.33 7.11 10.95
CA GLU B 271 6.45 6.21 12.13
C GLU B 271 5.77 4.90 11.85
N LEU B 272 4.60 4.95 11.16
CA LEU B 272 3.86 3.74 10.78
C LEU B 272 4.66 2.93 9.76
N ILE B 273 5.26 3.62 8.77
CA ILE B 273 6.08 3.01 7.73
C ILE B 273 7.28 2.29 8.40
N PHE B 274 7.88 2.91 9.44
CA PHE B 274 9.01 2.36 10.19
C PHE B 274 8.57 1.30 11.22
N GLY B 275 7.27 1.01 11.28
CA GLY B 275 6.72 -0.02 12.15
C GLY B 275 6.66 0.29 13.64
N ALA B 276 6.47 1.57 14.01
CA ALA B 276 6.36 1.96 15.43
C ALA B 276 5.02 1.49 15.97
N THR B 277 5.01 1.09 17.24
CA THR B 277 3.82 0.63 17.93
C THR B 277 3.49 1.58 19.10
N ASP B 278 4.34 2.60 19.30
CA ASP B 278 4.24 3.60 20.38
C ASP B 278 3.73 4.97 19.83
N TYR B 279 3.19 4.99 18.60
CA TYR B 279 2.70 6.20 17.95
C TYR B 279 1.51 6.84 18.70
N THR B 280 1.29 8.14 18.47
CA THR B 280 0.21 8.93 19.08
C THR B 280 -0.87 9.32 18.03
N SER B 281 -1.81 10.17 18.45
CA SER B 281 -2.90 10.71 17.66
C SER B 281 -2.36 11.61 16.52
N SER B 282 -1.10 12.07 16.64
CA SER B 282 -0.46 12.88 15.62
C SER B 282 -0.32 12.13 14.24
N ILE B 283 -0.57 10.81 14.19
CA ILE B 283 -0.58 10.06 12.90
C ILE B 283 -1.76 10.60 12.00
N ASP B 284 -2.90 10.98 12.62
CA ASP B 284 -4.08 11.58 11.96
C ASP B 284 -3.76 12.96 11.38
N VAL B 285 -2.89 13.72 12.06
CA VAL B 285 -2.42 15.05 11.65
C VAL B 285 -1.55 14.92 10.40
N TRP B 286 -0.65 13.92 10.37
CA TRP B 286 0.16 13.63 9.19
C TRP B 286 -0.81 13.32 8.01
N SER B 287 -1.76 12.40 8.23
CA SER B 287 -2.74 11.98 7.22
C SER B 287 -3.52 13.18 6.69
N ALA B 288 -3.97 14.08 7.58
CA ALA B 288 -4.68 15.30 7.23
C ALA B 288 -3.80 16.23 6.35
N GLY B 289 -2.50 16.35 6.68
CA GLY B 289 -1.52 17.09 5.88
C GLY B 289 -1.38 16.53 4.46
N CYS B 290 -1.44 15.21 4.30
CA CYS B 290 -1.41 14.49 3.03
C CYS B 290 -2.66 14.81 2.21
N VAL B 291 -3.82 14.93 2.88
CA VAL B 291 -5.07 15.29 2.21
C VAL B 291 -5.01 16.75 1.73
N LEU B 292 -4.50 17.68 2.57
CA LEU B 292 -4.35 19.09 2.21
C LEU B 292 -3.43 19.24 1.00
N ALA B 293 -2.23 18.67 1.07
CA ALA B 293 -1.25 18.73 -0.02
C ALA B 293 -1.83 18.18 -1.34
N GLU B 294 -2.62 17.08 -1.27
CA GLU B 294 -3.25 16.43 -2.41
C GLU B 294 -4.33 17.28 -3.06
N LEU B 295 -5.12 17.99 -2.24
CA LEU B 295 -6.16 18.88 -2.74
C LEU B 295 -5.55 20.08 -3.45
N LEU B 296 -4.38 20.52 -2.99
CA LEU B 296 -3.63 21.62 -3.57
C LEU B 296 -2.90 21.16 -4.84
N LEU B 297 -2.26 20.00 -4.83
CA LEU B 297 -1.50 19.47 -5.96
C LEU B 297 -2.33 18.89 -7.11
N GLY B 298 -3.46 18.27 -6.81
CA GLY B 298 -4.28 17.58 -7.80
C GLY B 298 -3.95 16.11 -7.87
N GLN B 299 -3.03 15.65 -7.01
CA GLN B 299 -2.57 14.26 -6.95
C GLN B 299 -1.92 14.02 -5.57
N PRO B 300 -1.78 12.73 -5.14
CA PRO B 300 -1.13 12.47 -3.84
C PRO B 300 0.29 13.00 -3.77
N ILE B 301 0.68 13.55 -2.62
CA ILE B 301 2.03 14.08 -2.41
C ILE B 301 3.07 12.97 -2.20
N PHE B 302 2.72 11.90 -1.46
CA PHE B 302 3.67 10.83 -1.19
C PHE B 302 3.20 9.46 -1.76
N PRO B 303 3.08 9.30 -3.11
CA PRO B 303 2.65 8.01 -3.65
C PRO B 303 3.73 6.96 -3.56
N GLY B 304 3.34 5.70 -3.74
CA GLY B 304 4.26 4.58 -3.69
C GLY B 304 3.55 3.27 -3.40
N ASP B 305 3.90 2.21 -4.15
CA ASP B 305 3.28 0.91 -3.86
C ASP B 305 3.96 0.15 -2.73
N SER B 306 5.09 0.68 -2.24
CA SER B 306 5.80 0.09 -1.10
C SER B 306 6.19 1.21 -0.15
N GLY B 307 6.49 0.86 1.09
CA GLY B 307 6.96 1.79 2.11
C GLY B 307 8.23 2.49 1.67
N VAL B 308 9.16 1.74 1.04
CA VAL B 308 10.42 2.29 0.50
C VAL B 308 10.15 3.42 -0.47
N ASP B 309 9.22 3.22 -1.43
CA ASP B 309 8.89 4.25 -2.43
C ASP B 309 8.24 5.47 -1.78
N GLN B 310 7.35 5.24 -0.78
CA GLN B 310 6.67 6.30 -0.04
C GLN B 310 7.72 7.15 0.72
N LEU B 311 8.66 6.47 1.40
CA LEU B 311 9.77 7.12 2.12
C LEU B 311 10.65 7.96 1.18
N VAL B 312 10.92 7.47 -0.04
CA VAL B 312 11.71 8.21 -1.05
C VAL B 312 10.99 9.52 -1.38
N GLU B 313 9.67 9.46 -1.60
CA GLU B 313 8.83 10.61 -1.88
C GLU B 313 8.77 11.61 -0.73
N ILE B 314 8.80 11.10 0.53
CA ILE B 314 8.79 11.91 1.74
C ILE B 314 10.14 12.62 1.83
N ILE B 315 11.24 11.85 1.68
CA ILE B 315 12.62 12.38 1.72
C ILE B 315 12.84 13.45 0.64
N LYS B 316 12.30 13.26 -0.59
CA LYS B 316 12.42 14.25 -1.67
C LYS B 316 11.88 15.63 -1.29
N VAL B 317 10.83 15.70 -0.44
CA VAL B 317 10.19 16.96 -0.03
C VAL B 317 10.77 17.46 1.28
N LEU B 318 10.79 16.59 2.30
CA LEU B 318 11.23 16.91 3.67
C LEU B 318 12.74 16.95 3.86
N GLY B 319 13.48 16.27 3.00
CA GLY B 319 14.92 16.13 3.14
C GLY B 319 15.18 14.89 3.97
N THR B 320 16.41 14.39 4.00
CA THR B 320 16.75 13.18 4.77
C THR B 320 16.48 13.40 6.28
N PRO B 321 15.82 12.46 7.00
CA PRO B 321 15.60 12.69 8.44
C PRO B 321 16.90 12.52 9.23
N THR B 322 17.10 13.38 10.25
CA THR B 322 18.27 13.33 11.14
C THR B 322 18.14 12.11 12.06
N ARG B 323 19.24 11.69 12.72
CA ARG B 323 19.21 10.52 13.62
C ARG B 323 18.24 10.69 14.80
N GLU B 324 18.04 11.95 15.28
CA GLU B 324 17.11 12.26 16.35
C GLU B 324 15.67 12.19 15.84
N GLN B 325 15.43 12.68 14.59
CA GLN B 325 14.13 12.61 13.93
C GLN B 325 13.72 11.15 13.76
N ILE B 326 14.66 10.28 13.36
CA ILE B 326 14.45 8.83 13.22
C ILE B 326 14.10 8.22 14.59
N ARG B 327 14.86 8.61 15.64
CA ARG B 327 14.67 8.16 17.02
C ARG B 327 13.27 8.52 17.54
N GLU B 328 12.77 9.73 17.19
CA GLU B 328 11.44 10.21 17.58
C GLU B 328 10.30 9.46 16.89
N MET B 329 10.52 8.99 15.64
CA MET B 329 9.58 8.18 14.84
C MET B 329 9.60 6.70 15.26
N ASN B 330 10.78 6.06 15.20
CA ASN B 330 11.02 4.65 15.60
C ASN B 330 12.52 4.48 15.96
N PRO B 331 12.83 4.29 17.28
CA PRO B 331 14.25 4.15 17.69
C PRO B 331 15.03 2.93 17.18
N ASN B 332 14.34 1.82 16.83
CA ASN B 332 14.99 0.59 16.32
C ASN B 332 15.54 0.77 14.89
N TYR B 333 15.20 1.90 14.23
CA TYR B 333 15.58 2.20 12.86
C TYR B 333 16.68 3.26 12.68
N THR B 334 17.32 3.68 13.80
CA THR B 334 18.39 4.70 13.85
C THR B 334 19.61 4.35 12.96
N GLU B 335 19.99 3.07 12.91
CA GLU B 335 21.13 2.53 12.16
C GLU B 335 20.97 2.40 10.63
N PHE B 336 19.73 2.14 10.13
CA PHE B 336 19.44 1.97 8.70
C PHE B 336 19.57 3.30 7.94
N LYS B 337 20.34 3.30 6.82
CA LYS B 337 20.62 4.48 5.99
C LYS B 337 19.77 4.65 4.73
N PHE B 338 19.40 5.90 4.44
CA PHE B 338 18.55 6.38 3.33
C PHE B 338 19.38 7.28 2.40
N PRO B 339 18.95 7.59 1.15
CA PRO B 339 19.77 8.47 0.28
C PRO B 339 19.79 9.92 0.75
N GLN B 340 21.00 10.53 0.82
CA GLN B 340 21.20 11.91 1.27
C GLN B 340 20.66 12.94 0.27
N ILE B 341 19.42 13.41 0.54
CA ILE B 341 18.71 14.40 -0.27
C ILE B 341 18.48 15.67 0.55
N LYS B 342 18.82 16.84 -0.04
CA LYS B 342 18.59 18.15 0.57
C LYS B 342 17.10 18.45 0.47
N ALA B 343 16.54 19.15 1.48
CA ALA B 343 15.12 19.51 1.53
C ALA B 343 14.68 20.40 0.35
N HIS B 344 13.65 19.92 -0.38
CA HIS B 344 13.04 20.62 -1.51
C HIS B 344 12.25 21.81 -0.94
N PRO B 345 12.50 23.06 -1.37
CA PRO B 345 11.70 24.18 -0.82
C PRO B 345 10.22 23.94 -1.11
N TRP B 346 9.40 23.95 -0.06
CA TRP B 346 7.96 23.72 -0.08
C TRP B 346 7.21 24.54 -1.14
N THR B 347 7.67 25.79 -1.43
CA THR B 347 7.06 26.67 -2.44
C THR B 347 7.26 26.08 -3.86
N LYS B 348 8.40 25.38 -4.07
CA LYS B 348 8.72 24.71 -5.33
C LYS B 348 7.93 23.40 -5.56
N VAL B 349 7.28 22.83 -4.49
CA VAL B 349 6.48 21.60 -4.66
C VAL B 349 5.09 21.86 -5.25
N PHE B 350 4.47 23.01 -4.91
CA PHE B 350 3.13 23.38 -5.39
C PHE B 350 3.18 24.32 -6.60
N ARG B 351 2.04 24.45 -7.33
CA ARG B 351 1.87 25.34 -8.48
C ARG B 351 2.16 26.83 -8.10
N PRO B 352 2.51 27.74 -9.05
CA PRO B 352 2.88 29.11 -8.67
C PRO B 352 1.89 29.95 -7.86
N ARG B 353 0.59 29.90 -8.19
CA ARG B 353 -0.40 30.71 -7.49
C ARG B 353 -0.97 30.14 -6.17
N THR B 354 -0.35 29.07 -5.62
CA THR B 354 -0.73 28.45 -4.35
C THR B 354 -0.54 29.43 -3.19
N PRO B 355 -1.60 29.69 -2.36
CA PRO B 355 -1.45 30.61 -1.22
C PRO B 355 -0.28 30.25 -0.31
N PRO B 356 0.59 31.23 0.02
CA PRO B 356 1.75 30.93 0.89
C PRO B 356 1.39 30.30 2.23
N GLU B 357 0.20 30.64 2.75
CA GLU B 357 -0.36 30.15 4.01
C GLU B 357 -0.72 28.68 3.93
N ALA B 358 -1.16 28.20 2.73
CA ALA B 358 -1.49 26.80 2.48
C ALA B 358 -0.22 25.95 2.60
N ILE B 359 0.88 26.46 2.03
CA ILE B 359 2.21 25.83 2.02
C ILE B 359 2.79 25.78 3.44
N ALA B 360 2.69 26.91 4.17
CA ALA B 360 3.16 27.00 5.56
C ALA B 360 2.42 25.97 6.43
N LEU B 361 1.07 25.82 6.24
CA LEU B 361 0.25 24.81 6.95
C LEU B 361 0.81 23.42 6.67
N CYS B 362 1.03 23.03 5.38
CA CYS B 362 1.60 21.72 5.00
C CYS B 362 2.87 21.42 5.73
N SER B 363 3.84 22.36 5.67
CA SER B 363 5.16 22.20 6.31
C SER B 363 5.07 21.94 7.80
N ARG B 364 4.04 22.47 8.47
CA ARG B 364 3.84 22.33 9.93
C ARG B 364 3.03 21.09 10.33
N LEU B 365 2.34 20.47 9.36
CA LEU B 365 1.59 19.23 9.56
C LEU B 365 2.49 18.06 9.21
N LEU B 366 3.24 18.23 8.13
CA LEU B 366 4.10 17.18 7.56
C LEU B 366 5.52 17.22 8.05
N GLU B 367 5.69 16.95 9.35
CA GLU B 367 6.95 16.93 10.10
C GLU B 367 7.32 15.52 10.46
N TYR B 368 8.62 15.17 10.38
CA TYR B 368 9.13 13.85 10.78
C TYR B 368 8.83 13.60 12.24
N THR B 369 9.21 14.56 13.11
CA THR B 369 9.00 14.46 14.55
C THR B 369 7.53 14.55 14.89
N PRO B 370 6.89 13.46 15.37
CA PRO B 370 5.45 13.52 15.69
C PRO B 370 5.00 14.66 16.62
N THR B 371 5.82 14.98 17.64
CA THR B 371 5.55 16.06 18.62
C THR B 371 5.75 17.45 18.01
N ALA B 372 6.44 17.57 16.86
CA ALA B 372 6.64 18.89 16.21
C ALA B 372 5.43 19.32 15.32
N ARG B 373 4.55 18.37 14.97
CA ARG B 373 3.36 18.61 14.15
C ARG B 373 2.37 19.43 14.95
N LEU B 374 1.64 20.33 14.26
CA LEU B 374 0.57 21.11 14.89
C LEU B 374 -0.46 20.13 15.41
N THR B 375 -1.19 20.51 16.46
CA THR B 375 -2.31 19.70 16.96
C THR B 375 -3.49 20.10 16.06
N PRO B 376 -4.57 19.30 15.99
CA PRO B 376 -5.73 19.72 15.18
C PRO B 376 -6.29 21.11 15.53
N LEU B 377 -6.39 21.44 16.84
CA LEU B 377 -6.91 22.73 17.31
C LEU B 377 -6.02 23.89 16.88
N GLU B 378 -4.70 23.68 16.93
CA GLU B 378 -3.73 24.68 16.47
C GLU B 378 -3.83 24.84 14.95
N ALA B 379 -4.09 23.72 14.22
CA ALA B 379 -4.23 23.78 12.76
C ALA B 379 -5.47 24.65 12.42
N CYS B 380 -6.61 24.52 13.15
CA CYS B 380 -7.83 25.34 13.00
C CYS B 380 -7.53 26.85 13.11
N ALA B 381 -6.62 27.22 14.04
CA ALA B 381 -6.18 28.58 14.39
C ALA B 381 -5.14 29.13 13.43
N HIS B 382 -4.68 28.32 12.45
CA HIS B 382 -3.67 28.72 11.46
C HIS B 382 -4.17 29.86 10.55
N SER B 383 -3.26 30.72 10.07
CA SER B 383 -3.58 31.85 9.19
C SER B 383 -4.28 31.44 7.88
N PHE B 384 -4.04 30.19 7.36
CA PHE B 384 -4.69 29.67 6.14
C PHE B 384 -6.21 29.71 6.26
N PHE B 385 -6.72 29.56 7.50
CA PHE B 385 -8.16 29.59 7.74
C PHE B 385 -8.72 30.97 8.10
N ASP B 386 -7.91 32.04 8.02
CA ASP B 386 -8.39 33.42 8.34
C ASP B 386 -9.60 33.87 7.53
N GLU B 387 -9.68 33.50 6.24
CA GLU B 387 -10.84 33.84 5.40
C GLU B 387 -12.15 33.28 5.98
N LEU B 388 -12.10 32.06 6.59
CA LEU B 388 -13.29 31.45 7.20
C LEU B 388 -13.80 32.25 8.38
N ARG B 389 -12.91 33.03 9.03
CA ARG B 389 -13.25 33.86 10.18
C ARG B 389 -13.76 35.27 9.79
N ASP B 390 -13.75 35.58 8.46
CA ASP B 390 -14.22 36.87 7.93
C ASP B 390 -15.74 36.92 8.05
N PRO B 391 -16.33 38.00 8.64
CA PRO B 391 -17.80 38.06 8.75
C PRO B 391 -18.54 38.07 7.41
N ASN B 392 -17.85 38.46 6.33
CA ASN B 392 -18.46 38.54 5.00
C ASN B 392 -18.35 37.29 4.13
N VAL B 393 -17.60 36.25 4.59
CA VAL B 393 -17.38 35.02 3.83
C VAL B 393 -18.70 34.35 3.47
N LYS B 394 -18.79 33.88 2.23
CA LYS B 394 -19.94 33.19 1.68
C LYS B 394 -19.45 32.04 0.86
N LEU B 395 -20.27 31.05 0.63
CA LEU B 395 -19.90 29.97 -0.28
C LEU B 395 -20.02 30.53 -1.70
N PRO B 396 -19.31 29.98 -2.72
CA PRO B 396 -19.49 30.46 -4.10
C PRO B 396 -20.97 30.45 -4.58
N ASN B 397 -21.79 29.46 -4.13
CA ASN B 397 -23.21 29.36 -4.49
C ASN B 397 -24.13 30.39 -3.83
N GLY B 398 -23.53 31.35 -3.11
CA GLY B 398 -24.26 32.40 -2.41
C GLY B 398 -24.69 32.09 -0.99
N ARG B 399 -24.73 30.78 -0.60
CA ARG B 399 -25.12 30.39 0.75
C ARG B 399 -24.11 30.82 1.82
N ASP B 400 -24.58 30.85 3.06
CA ASP B 400 -23.70 31.08 4.21
C ASP B 400 -22.83 29.86 4.37
N THR B 401 -21.65 30.04 4.96
CA THR B 401 -20.77 28.92 5.26
C THR B 401 -21.49 28.06 6.34
N PRO B 402 -21.17 26.75 6.47
CA PRO B 402 -21.82 25.96 7.53
C PRO B 402 -21.31 26.37 8.91
N ALA B 403 -21.78 25.73 10.00
CA ALA B 403 -21.35 26.02 11.38
C ALA B 403 -19.83 25.83 11.50
N LEU B 404 -19.11 26.87 12.01
CA LEU B 404 -17.66 26.83 12.12
C LEU B 404 -17.10 27.20 13.48
N PHE B 405 -17.89 27.90 14.29
CA PHE B 405 -17.41 28.47 15.56
C PHE B 405 -18.14 27.99 16.79
N ASN B 406 -19.04 27.03 16.64
CA ASN B 406 -19.78 26.48 17.77
C ASN B 406 -18.89 25.50 18.58
N PHE B 407 -17.72 25.96 19.02
CA PHE B 407 -16.79 25.16 19.81
C PHE B 407 -17.36 24.88 21.21
N THR B 408 -17.12 23.65 21.72
CA THR B 408 -17.53 23.25 23.07
C THR B 408 -16.28 23.22 23.93
N THR B 409 -16.44 23.09 25.26
CA THR B 409 -15.35 23.00 26.25
C THR B 409 -14.53 21.74 25.94
N GLN B 410 -15.21 20.63 25.64
CA GLN B 410 -14.61 19.35 25.25
C GLN B 410 -13.63 19.55 24.07
N GLU B 411 -14.12 20.11 22.93
CA GLU B 411 -13.25 20.31 21.78
C GLU B 411 -12.14 21.33 21.95
N LEU B 412 -12.30 22.27 22.87
CA LEU B 412 -11.26 23.26 23.17
C LEU B 412 -10.27 22.80 24.27
N SER B 413 -10.60 21.71 25.00
CA SER B 413 -9.83 21.20 26.15
C SER B 413 -8.31 21.09 26.05
N SER B 414 -7.77 20.77 24.85
CA SER B 414 -6.33 20.65 24.66
C SER B 414 -5.62 21.99 24.84
N ASN B 415 -6.30 23.11 24.50
CA ASN B 415 -5.71 24.45 24.58
C ASN B 415 -6.83 25.51 24.64
N PRO B 416 -7.54 25.66 25.81
CA PRO B 416 -8.61 26.68 25.89
C PRO B 416 -8.23 28.12 25.43
N PRO B 417 -7.02 28.68 25.70
CA PRO B 417 -6.69 30.02 25.16
C PRO B 417 -6.83 30.21 23.64
N LEU B 418 -6.83 29.10 22.84
CA LEU B 418 -6.94 29.19 21.37
C LEU B 418 -8.28 29.75 20.93
N ALA B 419 -9.32 29.63 21.80
CA ALA B 419 -10.66 30.20 21.60
C ALA B 419 -10.63 31.70 21.22
N THR B 420 -9.56 32.45 21.62
CA THR B 420 -9.39 33.86 21.28
C THR B 420 -9.18 34.06 19.77
N ILE B 421 -8.57 33.06 19.10
CA ILE B 421 -8.41 33.09 17.64
C ILE B 421 -9.64 32.44 17.03
N LEU B 422 -9.98 31.24 17.51
CA LEU B 422 -11.05 30.39 16.98
C LEU B 422 -12.44 30.93 16.87
N ILE B 423 -12.88 31.73 17.87
CA ILE B 423 -14.24 32.29 17.89
C ILE B 423 -14.04 33.76 17.58
N PRO B 424 -14.21 34.17 16.30
CA PRO B 424 -13.90 35.56 15.91
C PRO B 424 -14.81 36.60 16.57
N PRO B 425 -14.38 37.90 16.66
CA PRO B 425 -15.24 38.92 17.30
C PRO B 425 -16.71 38.90 16.87
N HIS B 426 -17.01 38.79 15.55
CA HIS B 426 -18.41 38.74 15.10
C HIS B 426 -19.22 37.58 15.66
N ALA B 427 -18.57 36.43 15.93
CA ALA B 427 -19.28 35.24 16.43
C ALA B 427 -19.66 35.38 17.90
N ARG B 428 -18.98 36.25 18.62
CA ARG B 428 -19.21 36.53 20.02
C ARG B 428 -20.50 37.36 20.16
N ILE B 429 -20.59 38.56 19.47
CA ILE B 429 -21.73 39.51 19.45
C ILE B 429 -23.09 38.96 19.99
N GLN B 430 -23.57 39.50 21.02
#